data_7V1M
#
_entry.id   7V1M
#
_cell.length_a   71.951
_cell.length_b   71.896
_cell.length_c   93.427
_cell.angle_alpha   70.670
_cell.angle_beta   70.640
_cell.angle_gamma   83.610
#
_symmetry.space_group_name_H-M   'P 1'
#
loop_
_entity.id
_entity.type
_entity.pdbx_description
1 polymer 'Histone H3.3'
2 polymer 'Histone H4'
3 polymer 'Histone chaperone ASF1B'
4 polymer 'Isoform 2 of Nuclear autoantigenic sperm protein'
#
loop_
_entity_poly.entity_id
_entity_poly.type
_entity_poly.pdbx_seq_one_letter_code
_entity_poly.pdbx_strand_id
1 'polypeptide(L)'
;ARTKQTARKSTGGKAPRKQLATKAARKSAPSTGGVKKPHRYRPGTVALREIRRYQKSTELLIRKLPFQRLVREIAQDFKT
DLRFQSAAIGALQEASEAYLVGLFEDTNLCAIHAKRVTIMPKDIQLARRIRGERA
;
B,A
2 'polypeptide(L)'
;SGRGKGGKGLGKGGAKRHRKVLRDNIQGITKPAIRRLARRGGVKRISGLIYEETRGVLKVFLENVIRDAVTYTEHAKRKT
VTAMDVVYALKRQGRTLYGFGG
;
C,E
3 'polypeptide(L)'
;MAKVSVLNVAVLENPSPFHSPFRFEISFECSEALADDLEWKIIYVGSAESEEFDQILDSVLVGPVPAGRHMFVFQADAPN
PSLIPETDAVGVTVVLITCTYHGQEFIRVGYYVNNEYLNPELRENPPMKPDFSQLQRNILASNPRVTRFHINWDNNMD
;
D,F
4 'polypeptide(L)'
;SADKVESLDVDSEAKKLLGLGQKHLVMGDIPAAVNAFQEAASLLGKKYGETANECGEAFFFYGKSLLELARLENKSLQEN
EEEEIGNLELAWDMLDLAKIIFKRQETKEAQLYAAQAHLKLGEVSVESENYVQAVEEFQSCLNLQEQYLEAHDRLLAETH
YQLGLAYGYNSQYDEAVAQFSKSIEVIENRMAVLNEQVKEAEGSSAEYKKEIEELKELLPEIREKIEDAKESQRS
;
G,H
#
# COMPACT_ATOMS: atom_id res chain seq x y z
N ARG A 49 -7.80 28.66 -2.29
CA ARG A 49 -8.84 27.84 -2.89
C ARG A 49 -9.96 27.65 -1.88
N GLU A 50 -9.88 28.47 -0.83
CA GLU A 50 -10.96 28.62 0.13
C GLU A 50 -11.38 27.28 0.71
N ILE A 51 -10.38 26.56 1.23
CA ILE A 51 -10.61 25.26 1.84
C ILE A 51 -9.89 25.24 3.18
N ARG A 52 -10.20 24.22 3.98
CA ARG A 52 -10.03 24.29 5.43
C ARG A 52 -8.59 24.59 5.83
N ARG A 53 -8.42 25.48 6.82
CA ARG A 53 -7.10 25.81 7.31
C ARG A 53 -6.74 24.87 8.45
N TYR A 54 -5.68 25.15 9.18
CA TYR A 54 -5.41 24.32 10.35
C TYR A 54 -4.61 25.12 11.35
N GLN A 55 -4.48 24.53 12.53
CA GLN A 55 -3.79 25.17 13.66
C GLN A 55 -2.32 24.82 13.69
N LYS A 56 -1.60 25.46 14.61
CA LYS A 56 -0.21 25.22 14.87
C LYS A 56 0.04 24.49 16.18
N SER A 57 -0.89 24.58 17.14
CA SER A 57 -0.81 23.97 18.48
C SER A 57 0.04 24.77 19.46
N THR A 58 0.62 25.89 19.05
CA THR A 58 1.51 26.61 19.95
C THR A 58 0.74 27.43 20.97
N GLU A 59 -0.33 28.10 20.54
CA GLU A 59 -1.14 28.93 21.44
C GLU A 59 -2.56 29.02 20.89
N LEU A 60 -3.36 29.87 21.53
CA LEU A 60 -4.81 29.90 21.34
C LEU A 60 -5.24 31.02 20.42
N LEU A 61 -6.41 30.85 19.80
CA LEU A 61 -7.02 31.89 19.01
C LEU A 61 -7.89 32.83 19.83
N ILE A 62 -7.77 32.81 21.16
CA ILE A 62 -8.64 33.58 22.03
C ILE A 62 -7.79 34.20 23.13
N ARG A 63 -7.87 35.53 23.28
CA ARG A 63 -7.20 36.17 24.39
C ARG A 63 -7.91 35.85 25.70
N LYS A 64 -7.11 35.56 26.73
CA LYS A 64 -7.63 35.08 28.01
C LYS A 64 -8.33 36.17 28.79
N LEU A 65 -7.87 37.42 28.65
CA LEU A 65 -8.37 38.48 29.53
C LEU A 65 -9.74 39.00 29.11
N PRO A 66 -10.02 39.25 27.82
CA PRO A 66 -11.42 39.50 27.46
C PRO A 66 -12.29 38.31 27.77
N PHE A 67 -11.76 37.10 27.51
CA PHE A 67 -12.46 35.87 27.84
C PHE A 67 -12.78 35.80 29.33
N GLN A 68 -11.79 36.10 30.17
CA GLN A 68 -11.92 35.92 31.62
C GLN A 68 -12.98 36.86 32.21
N ARG A 69 -13.09 38.08 31.67
CA ARG A 69 -14.09 38.96 32.23
C ARG A 69 -15.49 38.48 31.90
N LEU A 70 -15.65 37.91 30.71
CA LEU A 70 -16.91 37.27 30.36
C LEU A 70 -17.22 36.13 31.32
N VAL A 71 -16.26 35.20 31.48
CA VAL A 71 -16.41 34.18 32.49
C VAL A 71 -16.89 34.78 33.79
N ARG A 72 -16.22 35.85 34.23
CA ARG A 72 -16.54 36.47 35.51
C ARG A 72 -18.01 36.85 35.59
N GLU A 73 -18.48 37.67 34.65
CA GLU A 73 -19.85 38.18 34.73
C GLU A 73 -20.87 37.07 34.55
N ILE A 74 -20.57 36.05 33.74
CA ILE A 74 -21.49 34.93 33.62
C ILE A 74 -21.64 34.22 34.95
N ALA A 75 -20.51 34.02 35.64
CA ALA A 75 -20.54 33.31 36.91
C ALA A 75 -21.17 34.14 38.02
N GLN A 76 -21.03 35.46 37.93
CA GLN A 76 -21.58 36.33 38.96
C GLN A 76 -23.09 36.52 38.79
N ASP A 77 -23.68 36.13 37.68
CA ASP A 77 -25.14 36.04 37.66
C ASP A 77 -25.64 34.96 38.60
N PHE A 78 -24.80 33.98 38.93
CA PHE A 78 -25.13 32.89 39.85
C PHE A 78 -24.89 33.26 41.31
N LYS A 79 -23.68 33.73 41.64
CA LYS A 79 -23.31 34.06 43.00
C LYS A 79 -22.42 35.30 42.98
N THR A 80 -22.07 35.81 44.16
CA THR A 80 -21.24 37.00 44.27
C THR A 80 -19.88 36.73 44.89
N ASP A 81 -19.68 35.56 45.45
CA ASP A 81 -18.45 35.23 46.14
C ASP A 81 -17.87 34.05 45.39
N LEU A 82 -17.03 34.33 44.39
CA LEU A 82 -16.40 33.28 43.63
C LEU A 82 -14.99 33.72 43.23
N ARG A 83 -14.13 32.73 43.00
CA ARG A 83 -12.78 32.94 42.48
C ARG A 83 -12.43 31.80 41.53
N PHE A 84 -11.47 32.07 40.63
CA PHE A 84 -11.19 31.17 39.50
C PHE A 84 -9.68 31.04 39.29
N GLN A 85 -9.15 29.81 39.32
CA GLN A 85 -7.70 29.57 39.12
C GLN A 85 -7.36 29.67 37.65
N SER A 86 -6.25 30.30 37.33
CA SER A 86 -5.87 30.51 35.94
C SER A 86 -5.91 29.22 35.15
N ALA A 87 -5.64 28.10 35.82
CA ALA A 87 -5.74 26.80 35.16
C ALA A 87 -7.17 26.54 34.73
N ALA A 88 -8.13 26.80 35.62
CA ALA A 88 -9.52 26.61 35.27
C ALA A 88 -9.88 27.46 34.04
N ILE A 89 -9.41 28.70 34.00
CA ILE A 89 -9.74 29.56 32.87
C ILE A 89 -9.19 28.97 31.57
N GLY A 90 -7.90 28.66 31.55
CA GLY A 90 -7.33 28.07 30.35
C GLY A 90 -8.09 26.84 29.90
N ALA A 91 -8.64 26.09 30.86
CA ALA A 91 -9.45 24.93 30.52
C ALA A 91 -10.71 25.35 29.77
N LEU A 92 -11.45 26.30 30.33
CA LEU A 92 -12.58 26.86 29.61
C LEU A 92 -12.15 27.45 28.28
N GLN A 93 -10.97 28.06 28.23
CA GLN A 93 -10.53 28.65 26.99
C GLN A 93 -10.48 27.62 25.88
N GLU A 94 -9.65 26.59 26.05
CA GLU A 94 -9.51 25.61 24.98
C GLU A 94 -10.85 24.95 24.68
N ALA A 95 -11.69 24.73 25.70
CA ALA A 95 -13.00 24.14 25.46
C ALA A 95 -13.81 25.00 24.52
N SER A 96 -13.75 26.30 24.72
CA SER A 96 -14.48 27.21 23.87
C SER A 96 -14.01 27.09 22.44
N GLU A 97 -12.71 27.22 22.21
CA GLU A 97 -12.23 27.11 20.85
C GLU A 97 -12.66 25.79 20.25
N ALA A 98 -12.61 24.73 21.03
CA ALA A 98 -12.95 23.41 20.51
C ALA A 98 -14.38 23.39 20.01
N TYR A 99 -15.32 23.78 20.86
CA TYR A 99 -16.70 23.77 20.43
C TYR A 99 -16.88 24.62 19.17
N LEU A 100 -16.17 25.74 19.10
CA LEU A 100 -16.35 26.68 18.00
C LEU A 100 -15.96 26.05 16.67
N VAL A 101 -14.79 25.42 16.66
CA VAL A 101 -14.24 24.75 15.44
C VAL A 101 -15.14 23.58 15.04
N GLY A 102 -15.85 22.99 16.01
CA GLY A 102 -16.73 21.86 15.70
C GLY A 102 -17.92 22.31 14.91
N LEU A 103 -18.63 23.30 15.43
CA LEU A 103 -19.86 23.85 14.80
C LEU A 103 -19.56 24.48 13.45
N PHE A 104 -18.38 25.05 13.31
CA PHE A 104 -17.97 25.63 12.03
C PHE A 104 -17.74 24.50 11.04
N GLU A 105 -17.30 23.33 11.52
CA GLU A 105 -17.09 22.16 10.62
C GLU A 105 -18.46 21.75 10.06
N ASP A 106 -19.47 21.72 10.93
CA ASP A 106 -20.87 21.38 10.55
C ASP A 106 -21.55 22.55 9.83
N THR A 107 -21.36 23.77 10.32
CA THR A 107 -22.00 24.94 9.74
C THR A 107 -21.68 25.04 8.26
N ASN A 108 -20.41 24.82 7.90
CA ASN A 108 -20.07 24.94 6.50
C ASN A 108 -20.73 23.82 5.71
N LEU A 109 -20.86 22.66 6.33
CA LEU A 109 -21.48 21.51 5.68
C LEU A 109 -22.86 21.84 5.15
N CYS A 110 -23.82 22.09 6.05
CA CYS A 110 -25.15 22.43 5.59
C CYS A 110 -25.11 23.63 4.66
N ALA A 111 -24.28 24.63 5.00
CA ALA A 111 -24.14 25.76 4.10
C ALA A 111 -23.69 25.30 2.75
N ILE A 112 -22.78 24.33 2.72
CA ILE A 112 -22.44 23.74 1.45
C ILE A 112 -23.67 23.18 0.80
N HIS A 113 -24.58 22.61 1.60
CA HIS A 113 -25.62 21.81 0.98
C HIS A 113 -26.72 22.65 0.36
N ALA A 114 -27.09 23.76 0.96
CA ALA A 114 -27.70 24.77 0.12
C ALA A 114 -26.62 25.29 -0.82
N LYS A 115 -26.98 25.52 -2.09
CA LYS A 115 -25.99 26.08 -3.01
C LYS A 115 -25.60 27.45 -2.50
N ARG A 116 -24.51 27.52 -1.73
CA ARG A 116 -24.13 28.76 -1.09
C ARG A 116 -22.70 28.67 -0.56
N VAL A 117 -22.08 29.84 -0.35
CA VAL A 117 -20.76 29.97 0.24
C VAL A 117 -20.81 30.76 1.54
N THR A 118 -21.44 31.95 1.52
CA THR A 118 -21.60 32.73 2.74
C THR A 118 -22.53 32.00 3.68
N ILE A 119 -22.19 32.03 4.96
CA ILE A 119 -22.89 31.28 5.98
C ILE A 119 -23.84 32.20 6.73
N MET A 120 -25.00 31.67 7.09
CA MET A 120 -26.08 32.35 7.77
C MET A 120 -26.29 31.78 9.16
N PRO A 121 -26.73 32.62 10.11
CA PRO A 121 -26.96 32.13 11.47
C PRO A 121 -27.75 30.86 11.53
N LYS A 122 -28.80 30.72 10.71
CA LYS A 122 -29.58 29.49 10.71
C LYS A 122 -28.69 28.27 10.61
N ASP A 123 -27.60 28.37 9.83
CA ASP A 123 -26.70 27.23 9.70
C ASP A 123 -26.00 26.94 11.01
N ILE A 124 -25.69 27.99 11.77
CA ILE A 124 -25.13 27.77 13.09
C ILE A 124 -26.13 27.08 13.97
N GLN A 125 -27.34 27.61 14.03
CA GLN A 125 -28.38 26.98 14.84
C GLN A 125 -28.57 25.54 14.40
N LEU A 126 -28.49 25.29 13.11
CA LEU A 126 -28.70 23.92 12.64
C LEU A 126 -27.58 23.02 13.10
N ALA A 127 -26.33 23.45 12.98
CA ALA A 127 -25.23 22.61 13.40
C ALA A 127 -25.29 22.34 14.90
N ARG A 128 -25.85 23.27 15.67
CA ARG A 128 -26.04 23.07 17.10
C ARG A 128 -27.01 21.94 17.39
N ARG A 129 -27.95 21.69 16.46
CA ARG A 129 -28.98 20.67 16.65
C ARG A 129 -28.50 19.31 16.16
N ILE A 130 -27.73 19.29 15.08
CA ILE A 130 -27.18 18.04 14.58
C ILE A 130 -26.14 17.47 15.54
N ARG A 131 -25.83 18.27 16.57
CA ARG A 131 -25.06 17.86 17.77
C ARG A 131 -26.20 17.60 18.76
N GLY A 132 -26.82 18.69 19.21
CA GLY A 132 -28.12 18.64 19.88
C GLY A 132 -28.05 18.73 21.38
N GLU A 133 -28.38 19.90 21.94
CA GLU A 133 -28.30 20.12 23.38
C GLU A 133 -29.33 21.12 23.89
N ARG A 134 -30.25 21.59 23.07
CA ARG A 134 -31.16 22.65 23.51
C ARG A 134 -32.51 22.06 23.90
N LEU B 22 -24.67 47.94 29.56
CA LEU B 22 -23.44 47.84 28.78
C LEU B 22 -22.70 46.68 29.30
N ARG B 23 -22.80 46.49 30.61
CA ARG B 23 -22.12 45.36 31.21
C ARG B 23 -22.55 44.06 30.55
N ASP B 24 -23.81 43.97 30.10
CA ASP B 24 -24.23 42.74 29.45
C ASP B 24 -23.63 42.60 28.05
N ASN B 25 -22.94 43.64 27.58
CA ASN B 25 -22.29 43.64 26.30
C ASN B 25 -20.84 43.25 26.37
N ILE B 26 -20.35 42.85 27.53
CA ILE B 26 -18.94 42.51 27.59
C ILE B 26 -18.73 41.20 26.83
N GLN B 27 -17.69 41.17 25.99
CA GLN B 27 -17.40 40.02 25.18
C GLN B 27 -16.06 39.40 25.55
N GLY B 28 -15.88 38.13 25.17
CA GLY B 28 -14.70 37.35 25.50
C GLY B 28 -13.89 36.89 24.30
N ILE B 29 -14.43 37.11 23.12
CA ILE B 29 -13.77 36.74 21.87
C ILE B 29 -13.97 37.85 20.86
N THR B 30 -12.87 38.28 20.24
CA THR B 30 -12.88 39.35 19.27
C THR B 30 -13.42 38.86 17.94
N LYS B 31 -13.71 39.82 17.07
CA LYS B 31 -14.12 39.49 15.71
C LYS B 31 -12.99 38.85 14.89
N PRO B 32 -11.73 39.28 15.01
CA PRO B 32 -10.66 38.54 14.31
C PRO B 32 -10.64 37.05 14.63
N ALA B 33 -10.71 36.70 15.92
CA ALA B 33 -10.71 35.30 16.31
C ALA B 33 -11.84 34.54 15.65
N ILE B 34 -13.05 35.12 15.66
CA ILE B 34 -14.23 34.44 15.14
C ILE B 34 -14.03 34.04 13.68
N ARG B 35 -13.52 34.96 12.85
CA ARG B 35 -13.30 34.54 11.46
C ARG B 35 -12.16 33.55 11.38
N ARG B 36 -11.13 33.68 12.22
CA ARG B 36 -10.08 32.69 12.23
C ARG B 36 -10.65 31.31 12.50
N LEU B 37 -11.45 31.18 13.57
CA LEU B 37 -12.05 29.89 13.87
C LEU B 37 -12.93 29.41 12.73
N ALA B 38 -13.61 30.34 12.05
CA ALA B 38 -14.49 29.94 10.96
C ALA B 38 -13.70 29.30 9.83
N ARG B 39 -12.69 30.02 9.32
CA ARG B 39 -11.95 29.51 8.18
C ARG B 39 -11.24 28.21 8.49
N ARG B 40 -10.86 27.96 9.74
CA ARG B 40 -10.19 26.71 9.94
C ARG B 40 -11.19 25.54 10.00
N GLY B 41 -12.46 25.81 9.88
CA GLY B 41 -13.44 24.76 9.74
C GLY B 41 -13.91 24.67 8.31
N GLY B 42 -13.16 25.30 7.42
CA GLY B 42 -13.48 25.26 6.01
C GLY B 42 -14.48 26.28 5.56
N VAL B 43 -14.86 27.21 6.45
CA VAL B 43 -15.82 28.25 6.10
C VAL B 43 -15.17 29.25 5.15
N LYS B 44 -15.89 29.62 4.08
CA LYS B 44 -15.30 30.54 3.10
C LYS B 44 -15.82 31.97 3.20
N ARG B 45 -17.03 32.20 3.68
CA ARG B 45 -17.56 33.55 3.85
C ARG B 45 -18.65 33.52 4.90
N ILE B 46 -18.83 34.64 5.59
CA ILE B 46 -19.82 34.72 6.65
C ILE B 46 -20.75 35.90 6.41
N SER B 47 -21.97 35.75 6.89
CA SER B 47 -22.91 36.86 6.90
C SER B 47 -22.61 37.78 8.07
N GLY B 48 -23.12 39.01 7.98
CA GLY B 48 -22.86 39.98 9.02
C GLY B 48 -23.32 39.55 10.42
N LEU B 49 -24.41 38.81 10.50
CA LEU B 49 -24.97 38.44 11.80
C LEU B 49 -24.24 37.28 12.44
N ILE B 50 -23.21 36.74 11.79
CA ILE B 50 -22.49 35.60 12.34
C ILE B 50 -21.86 35.97 13.67
N TYR B 51 -21.28 37.17 13.77
CA TYR B 51 -20.55 37.59 14.96
C TYR B 51 -21.42 37.56 16.20
N GLU B 52 -22.68 37.95 16.06
CA GLU B 52 -23.60 37.88 17.19
C GLU B 52 -24.00 36.46 17.48
N GLU B 53 -24.39 35.71 16.44
CA GLU B 53 -24.78 34.32 16.66
C GLU B 53 -23.63 33.54 17.27
N THR B 54 -22.44 33.64 16.68
CA THR B 54 -21.27 33.03 17.27
C THR B 54 -21.11 33.44 18.72
N ARG B 55 -21.24 34.74 18.99
CA ARG B 55 -21.09 35.15 20.37
C ARG B 55 -22.26 34.72 21.22
N GLY B 56 -23.45 34.61 20.61
CA GLY B 56 -24.61 34.18 21.37
C GLY B 56 -24.49 32.76 21.87
N VAL B 57 -24.12 31.85 20.97
CA VAL B 57 -24.10 30.43 21.31
C VAL B 57 -22.92 30.07 22.20
N LEU B 58 -21.79 30.78 22.07
CA LEU B 58 -20.68 30.55 22.98
C LEU B 58 -21.07 30.87 24.41
N LYS B 59 -21.74 32.00 24.62
CA LYS B 59 -22.15 32.33 25.98
C LYS B 59 -22.91 31.15 26.56
N VAL B 60 -23.86 30.62 25.81
CA VAL B 60 -24.62 29.46 26.26
C VAL B 60 -23.68 28.33 26.64
N PHE B 61 -22.73 28.03 25.77
CA PHE B 61 -21.77 26.99 26.05
C PHE B 61 -21.09 27.25 27.37
N LEU B 62 -20.57 28.46 27.52
CA LEU B 62 -19.88 28.80 28.75
C LEU B 62 -20.84 28.74 29.93
N GLU B 63 -22.06 29.24 29.77
CA GLU B 63 -23.03 29.09 30.84
C GLU B 63 -23.15 27.63 31.24
N ASN B 64 -23.48 26.77 30.28
CA ASN B 64 -23.70 25.37 30.66
C ASN B 64 -22.45 24.79 31.31
N VAL B 65 -21.27 25.27 30.92
CA VAL B 65 -20.05 24.65 31.40
C VAL B 65 -19.69 25.16 32.78
N ILE B 66 -19.66 26.48 32.92
CA ILE B 66 -19.33 27.12 34.17
C ILE B 66 -20.13 26.52 35.30
N ARG B 67 -21.44 26.41 35.09
CA ARG B 67 -22.30 25.86 36.13
C ARG B 67 -21.78 24.50 36.60
N ASP B 68 -21.51 23.60 35.68
CA ASP B 68 -21.08 22.28 36.09
C ASP B 68 -19.76 22.34 36.84
N ALA B 69 -18.77 23.03 36.29
CA ALA B 69 -17.45 23.06 36.93
C ALA B 69 -17.54 23.66 38.31
N VAL B 70 -18.29 24.75 38.44
CA VAL B 70 -18.46 25.36 39.75
C VAL B 70 -19.26 24.46 40.66
N THR B 71 -20.25 23.76 40.10
CA THR B 71 -21.00 22.79 40.89
C THR B 71 -20.06 21.80 41.55
N TYR B 72 -19.20 21.18 40.75
CA TYR B 72 -18.23 20.26 41.31
C TYR B 72 -17.25 20.96 42.23
N THR B 73 -17.03 22.26 42.04
CA THR B 73 -16.19 22.97 43.00
C THR B 73 -16.85 23.02 44.36
N GLU B 74 -18.16 23.21 44.41
CA GLU B 74 -18.91 23.07 45.65
C GLU B 74 -19.11 21.62 46.04
N HIS B 75 -19.05 20.71 45.08
CA HIS B 75 -19.13 19.29 45.41
C HIS B 75 -17.79 18.79 45.93
N ALA B 76 -16.68 19.13 45.26
CA ALA B 76 -15.34 18.89 45.79
C ALA B 76 -14.97 19.87 46.89
N LYS B 77 -15.88 20.78 47.23
CA LYS B 77 -15.67 21.78 48.26
C LYS B 77 -14.34 22.49 48.08
N ARG B 78 -14.01 22.78 46.82
CA ARG B 78 -12.89 23.64 46.48
C ARG B 78 -13.36 25.10 46.43
N LYS B 79 -12.38 26.01 46.47
CA LYS B 79 -12.63 27.45 46.26
C LYS B 79 -11.89 27.99 45.05
N THR B 80 -10.62 27.64 44.93
CA THR B 80 -9.84 28.01 43.72
C THR B 80 -10.10 26.88 42.71
N VAL B 81 -11.32 26.80 42.16
CA VAL B 81 -11.67 25.67 41.26
C VAL B 81 -10.71 25.67 40.08
N THR B 82 -10.19 24.50 39.76
CA THR B 82 -9.21 24.34 38.66
C THR B 82 -9.78 23.44 37.57
N ALA B 83 -8.95 23.13 36.59
CA ALA B 83 -9.36 22.33 35.44
C ALA B 83 -9.90 20.98 35.92
N MET B 84 -9.30 20.42 36.95
CA MET B 84 -9.76 19.07 37.22
C MET B 84 -11.26 19.03 37.38
N ASP B 85 -11.85 20.13 37.84
CA ASP B 85 -13.30 20.23 37.81
C ASP B 85 -13.78 20.35 36.38
N VAL B 86 -13.12 21.21 35.61
CA VAL B 86 -13.63 21.56 34.29
C VAL B 86 -13.75 20.32 33.42
N VAL B 87 -12.67 19.54 33.33
CA VAL B 87 -12.69 18.43 32.39
C VAL B 87 -13.79 17.44 32.73
N TYR B 88 -14.08 17.27 34.02
CA TYR B 88 -15.23 16.46 34.39
C TYR B 88 -16.52 17.14 33.99
N ALA B 89 -16.55 18.47 34.11
CA ALA B 89 -17.72 19.25 33.72
C ALA B 89 -17.95 19.22 32.22
N LEU B 90 -17.00 18.78 31.42
CA LEU B 90 -17.17 18.76 29.98
C LEU B 90 -17.39 17.38 29.44
N LYS B 91 -16.79 16.37 30.07
CA LYS B 91 -17.21 15.02 29.81
C LYS B 91 -18.70 14.86 30.04
N ARG B 92 -19.28 15.80 30.79
CA ARG B 92 -20.71 15.85 31.03
C ARG B 92 -21.46 16.57 29.94
N GLN B 93 -20.76 17.11 28.94
CA GLN B 93 -21.42 17.93 27.92
C GLN B 93 -21.70 17.21 26.61
N GLY B 94 -20.81 16.36 26.12
CA GLY B 94 -21.19 15.60 24.96
C GLY B 94 -20.16 15.61 23.84
N ARG B 95 -19.88 14.45 23.27
CA ARG B 95 -18.76 14.25 22.35
C ARG B 95 -19.31 13.84 21.00
N THR B 96 -19.12 14.69 19.98
CA THR B 96 -19.70 14.46 18.66
C THR B 96 -18.61 13.94 17.75
N LEU B 97 -18.79 12.73 17.20
CA LEU B 97 -17.86 12.05 16.30
C LEU B 97 -18.49 11.89 14.93
N TYR B 98 -17.66 11.69 13.92
CA TYR B 98 -18.12 11.76 12.51
C TYR B 98 -18.55 10.41 11.93
N GLY B 99 -18.83 9.47 12.79
CA GLY B 99 -19.29 8.19 12.31
C GLY B 99 -19.53 7.28 13.49
N PHE B 100 -19.65 5.99 13.19
CA PHE B 100 -20.04 5.02 14.21
C PHE B 100 -18.93 4.11 14.67
N GLY B 101 -17.88 3.93 13.85
CA GLY B 101 -16.76 3.09 14.24
C GLY B 101 -15.86 3.72 15.30
N MET C 1 -16.96 1.82 30.14
CA MET C 1 -17.92 2.91 29.97
C MET C 1 -19.33 2.40 29.74
N ALA C 2 -19.91 2.74 28.58
CA ALA C 2 -21.32 2.50 28.31
C ALA C 2 -21.62 1.03 28.12
N LYS C 3 -22.78 0.59 28.62
CA LYS C 3 -23.21 -0.80 28.49
C LYS C 3 -23.83 -1.10 27.13
N VAL C 4 -24.02 -0.08 26.29
CA VAL C 4 -24.63 -0.24 24.98
C VAL C 4 -23.71 0.45 23.99
N SER C 5 -23.67 -0.06 22.77
CA SER C 5 -22.82 0.57 21.77
C SER C 5 -23.50 0.50 20.43
N VAL C 6 -23.99 1.63 19.94
CA VAL C 6 -24.56 1.60 18.61
C VAL C 6 -23.44 1.39 17.60
N LEU C 7 -23.53 0.28 16.89
CA LEU C 7 -22.51 -0.07 15.91
C LEU C 7 -22.68 0.74 14.64
N ASN C 8 -23.90 0.90 14.17
CA ASN C 8 -24.07 1.53 12.89
C ASN C 8 -25.54 1.80 12.66
N VAL C 9 -25.84 2.79 11.83
CA VAL C 9 -27.19 3.09 11.40
C VAL C 9 -27.15 3.16 9.88
N ALA C 10 -28.29 2.94 9.24
CA ALA C 10 -28.33 2.97 7.78
C ALA C 10 -29.65 3.55 7.31
N VAL C 11 -29.58 4.63 6.53
CA VAL C 11 -30.80 5.25 6.03
C VAL C 11 -31.17 4.60 4.70
N LEU C 12 -32.41 4.18 4.56
CA LEU C 12 -32.82 3.37 3.42
C LEU C 12 -33.78 4.12 2.51
N GLU C 13 -33.68 3.78 1.23
CA GLU C 13 -34.43 4.42 0.16
C GLU C 13 -34.28 5.94 0.25
N ASN C 14 -33.05 6.37 0.17
CA ASN C 14 -32.75 7.78 0.18
C ASN C 14 -32.31 8.20 -1.19
N PRO C 15 -32.87 9.26 -1.76
CA PRO C 15 -33.90 10.14 -1.23
C PRO C 15 -35.27 9.70 -1.64
N SER C 16 -36.25 10.53 -1.36
CA SER C 16 -37.63 10.11 -1.46
C SER C 16 -38.54 11.30 -1.25
N PRO C 17 -39.83 11.18 -1.53
CA PRO C 17 -40.72 12.33 -1.31
C PRO C 17 -40.79 12.70 0.15
N PHE C 18 -41.23 13.94 0.37
CA PHE C 18 -41.35 14.44 1.72
C PHE C 18 -42.30 13.58 2.53
N HIS C 19 -43.31 12.98 1.90
CA HIS C 19 -44.39 12.31 2.63
C HIS C 19 -44.11 10.85 2.92
N SER C 20 -42.95 10.34 2.57
CA SER C 20 -42.72 8.92 2.77
C SER C 20 -42.12 8.65 4.14
N PRO C 21 -42.44 7.49 4.71
CA PRO C 21 -41.91 7.17 6.04
C PRO C 21 -40.40 7.02 6.03
N PHE C 22 -39.78 7.45 7.13
CA PHE C 22 -38.36 7.23 7.37
C PHE C 22 -38.09 5.76 7.56
N ARG C 23 -36.87 5.32 7.19
CA ARG C 23 -36.49 3.92 7.35
C ARG C 23 -35.01 3.89 7.67
N PHE C 24 -34.67 3.59 8.92
CA PHE C 24 -33.30 3.40 9.35
C PHE C 24 -33.08 1.98 9.78
N GLU C 25 -31.92 1.46 9.44
CA GLU C 25 -31.45 0.17 9.91
C GLU C 25 -30.44 0.42 11.02
N ILE C 26 -30.81 0.08 12.24
CA ILE C 26 -30.05 0.39 13.42
C ILE C 26 -29.50 -0.89 14.00
N SER C 27 -28.31 -0.81 14.58
CA SER C 27 -27.67 -2.01 15.12
C SER C 27 -26.80 -1.61 16.30
N PHE C 28 -26.96 -2.30 17.43
CA PHE C 28 -26.24 -1.93 18.63
C PHE C 28 -25.74 -3.20 19.31
N GLU C 29 -25.07 -3.02 20.43
CA GLU C 29 -24.47 -4.15 21.12
C GLU C 29 -24.47 -3.86 22.60
N CYS C 30 -25.21 -4.66 23.36
CA CYS C 30 -25.27 -4.52 24.80
C CYS C 30 -24.17 -5.35 25.44
N SER C 31 -23.23 -4.68 26.10
CA SER C 31 -22.14 -5.35 26.78
C SER C 31 -22.61 -6.29 27.89
N GLU C 32 -23.83 -6.09 28.38
CA GLU C 32 -24.38 -6.91 29.44
C GLU C 32 -25.88 -6.99 29.21
N ALA C 33 -26.51 -8.04 29.72
CA ALA C 33 -27.96 -8.01 29.80
C ALA C 33 -28.39 -6.75 30.54
N LEU C 34 -29.33 -6.03 29.92
CA LEU C 34 -29.86 -4.80 30.49
C LEU C 34 -31.22 -5.05 31.11
N ALA C 35 -31.36 -4.58 32.36
CA ALA C 35 -32.58 -4.73 33.13
C ALA C 35 -33.64 -3.72 32.73
N ASP C 36 -33.29 -2.44 32.72
CA ASP C 36 -34.23 -1.36 32.45
C ASP C 36 -34.45 -1.22 30.95
N ASP C 37 -35.11 -0.16 30.56
CA ASP C 37 -35.69 -0.08 29.24
C ASP C 37 -34.88 0.83 28.34
N LEU C 38 -34.75 0.45 27.09
CA LEU C 38 -34.12 1.27 26.08
C LEU C 38 -35.20 1.89 25.23
N GLU C 39 -35.06 3.19 24.97
CA GLU C 39 -36.05 3.89 24.18
C GLU C 39 -35.34 4.62 23.06
N TRP C 40 -35.69 4.27 21.85
CA TRP C 40 -35.15 4.92 20.68
C TRP C 40 -36.17 5.88 20.13
N LYS C 41 -35.70 7.01 19.65
CA LYS C 41 -36.54 8.08 19.16
C LYS C 41 -36.04 8.56 17.83
N ILE C 42 -36.97 9.00 17.00
CA ILE C 42 -36.66 9.79 15.82
C ILE C 42 -37.27 11.15 16.01
N ILE C 43 -36.47 12.18 15.77
CA ILE C 43 -36.91 13.54 15.94
C ILE C 43 -36.58 14.32 14.69
N TYR C 44 -37.57 15.01 14.18
CA TYR C 44 -37.45 15.88 13.02
C TYR C 44 -37.43 17.31 13.52
N VAL C 45 -36.35 18.04 13.24
CA VAL C 45 -36.23 19.43 13.65
C VAL C 45 -37.06 20.29 12.69
N GLY C 46 -38.19 20.81 13.15
CA GLY C 46 -39.09 21.52 12.25
C GLY C 46 -38.61 22.92 11.95
N SER C 47 -38.11 23.61 12.96
CA SER C 47 -37.48 24.90 12.77
C SER C 47 -36.14 24.90 13.46
N ALA C 48 -35.14 25.44 12.76
CA ALA C 48 -33.87 25.69 13.38
C ALA C 48 -33.98 26.76 14.45
N GLU C 49 -34.94 27.66 14.31
CA GLU C 49 -34.91 28.79 15.22
C GLU C 49 -35.41 28.41 16.59
N SER C 50 -36.16 27.32 16.71
CA SER C 50 -36.65 26.94 18.01
C SER C 50 -36.84 25.44 18.10
N GLU C 51 -36.23 24.83 19.11
CA GLU C 51 -36.51 23.43 19.35
C GLU C 51 -38.00 23.17 19.55
N GLU C 52 -38.78 24.21 19.89
CA GLU C 52 -40.24 24.07 20.01
C GLU C 52 -40.83 23.29 18.83
N PHE C 53 -40.27 23.49 17.64
CA PHE C 53 -40.76 22.83 16.45
C PHE C 53 -40.09 21.50 16.21
N ASP C 54 -39.56 20.91 17.26
CA ASP C 54 -39.21 19.51 17.21
C ASP C 54 -40.47 18.67 17.13
N GLN C 55 -40.41 17.61 16.34
CA GLN C 55 -41.51 16.70 16.11
C GLN C 55 -40.98 15.29 16.31
N ILE C 56 -41.24 14.73 17.49
CA ILE C 56 -40.89 13.35 17.81
C ILE C 56 -41.72 12.40 16.95
N LEU C 57 -41.11 11.88 15.88
CA LEU C 57 -41.85 11.09 14.90
C LEU C 57 -42.26 9.73 15.45
N ASP C 58 -41.31 8.89 15.83
CA ASP C 58 -41.68 7.62 16.43
C ASP C 58 -40.77 7.34 17.60
N SER C 59 -41.12 6.30 18.34
CA SER C 59 -40.36 5.90 19.50
C SER C 59 -40.72 4.45 19.81
N VAL C 60 -39.73 3.65 20.19
CA VAL C 60 -39.96 2.28 20.57
C VAL C 60 -39.32 2.06 21.92
N LEU C 61 -40.03 1.37 22.81
CA LEU C 61 -39.59 1.16 24.17
C LEU C 61 -39.38 -0.32 24.34
N VAL C 62 -38.13 -0.70 24.61
CA VAL C 62 -37.72 -2.09 24.70
C VAL C 62 -37.15 -2.33 26.08
N GLY C 63 -37.52 -3.44 26.68
CA GLY C 63 -36.92 -3.78 27.93
C GLY C 63 -37.52 -5.04 28.51
N PRO C 64 -36.70 -5.84 29.15
CA PRO C 64 -35.25 -5.79 29.30
C PRO C 64 -34.60 -6.21 28.04
N VAL C 65 -33.38 -5.76 27.86
CA VAL C 65 -32.62 -5.98 26.64
C VAL C 65 -31.51 -6.97 26.96
N PRO C 66 -31.41 -8.06 26.22
CA PRO C 66 -30.32 -9.01 26.47
C PRO C 66 -28.99 -8.38 26.10
N ALA C 67 -27.93 -9.09 26.43
CA ALA C 67 -26.64 -8.63 25.96
C ALA C 67 -26.41 -9.13 24.54
N GLY C 68 -25.48 -8.49 23.85
CA GLY C 68 -25.04 -8.97 22.55
C GLY C 68 -25.49 -8.07 21.42
N ARG C 69 -25.24 -8.56 20.20
CA ARG C 69 -25.55 -7.76 19.02
C ARG C 69 -27.06 -7.73 18.83
N HIS C 70 -27.57 -6.57 18.50
CA HIS C 70 -28.95 -6.46 18.14
C HIS C 70 -29.02 -5.62 16.87
N MET C 71 -29.99 -5.91 16.02
CA MET C 71 -30.30 -4.99 14.94
C MET C 71 -31.79 -4.98 14.72
N PHE C 72 -32.33 -3.78 14.52
CA PHE C 72 -33.71 -3.62 14.10
C PHE C 72 -33.77 -2.50 13.06
N VAL C 73 -34.97 -2.30 12.52
CA VAL C 73 -35.19 -1.24 11.55
C VAL C 73 -36.32 -0.37 12.06
N PHE C 74 -36.00 0.90 12.23
CA PHE C 74 -36.94 1.87 12.74
C PHE C 74 -37.59 2.56 11.53
N GLN C 75 -38.91 2.39 11.39
CA GLN C 75 -39.70 3.13 10.44
C GLN C 75 -40.67 4.05 11.17
N ALA C 76 -40.72 5.30 10.69
CA ALA C 76 -41.53 6.35 11.26
C ALA C 76 -42.11 7.18 10.14
N ASP C 77 -43.37 7.59 10.31
CA ASP C 77 -44.06 8.33 9.27
C ASP C 77 -43.39 9.67 9.03
N ALA C 78 -43.73 10.28 7.90
CA ALA C 78 -43.20 11.59 7.58
C ALA C 78 -43.67 12.63 8.59
N PRO C 79 -42.89 13.67 8.80
CA PRO C 79 -43.27 14.74 9.72
C PRO C 79 -44.45 15.55 9.20
N ASN C 80 -45.16 16.15 10.13
CA ASN C 80 -46.43 16.82 9.83
C ASN C 80 -46.18 18.13 9.13
N PRO C 81 -46.59 18.23 7.89
CA PRO C 81 -46.47 19.51 7.18
C PRO C 81 -47.27 20.60 7.81
N SER C 82 -48.29 20.29 8.59
CA SER C 82 -49.03 21.39 9.16
C SER C 82 -48.30 22.02 10.33
N LEU C 83 -47.27 21.39 10.86
CA LEU C 83 -46.61 21.95 12.02
C LEU C 83 -45.29 22.63 11.69
N ILE C 84 -44.87 22.56 10.44
CA ILE C 84 -43.59 23.12 10.02
C ILE C 84 -43.80 24.57 9.65
N PRO C 85 -42.98 25.50 10.16
CA PRO C 85 -42.97 26.88 9.66
C PRO C 85 -42.49 26.94 8.21
N GLU C 86 -43.22 27.67 7.37
CA GLU C 86 -43.01 27.56 5.93
C GLU C 86 -41.66 28.11 5.49
N THR C 87 -41.05 29.00 6.27
CA THR C 87 -39.66 29.39 6.03
C THR C 87 -38.77 28.16 6.03
N ASP C 88 -38.85 27.39 7.10
CA ASP C 88 -37.97 26.25 7.27
C ASP C 88 -38.38 25.08 6.41
N ALA C 89 -39.50 25.21 5.70
CA ALA C 89 -40.05 24.03 5.05
C ALA C 89 -39.17 23.57 3.92
N VAL C 90 -38.80 24.46 3.02
CA VAL C 90 -37.88 23.97 1.96
C VAL C 90 -36.49 24.55 2.19
N GLY C 91 -35.50 23.65 2.18
CA GLY C 91 -34.16 23.96 2.56
C GLY C 91 -33.48 22.79 3.24
N VAL C 92 -32.53 23.13 4.11
CA VAL C 92 -31.74 22.16 4.85
C VAL C 92 -32.21 22.16 6.29
N THR C 93 -32.29 20.99 6.88
CA THR C 93 -32.71 20.84 8.25
C THR C 93 -31.98 19.64 8.82
N VAL C 94 -32.46 19.12 9.92
CA VAL C 94 -31.79 18.05 10.62
C VAL C 94 -32.82 17.02 11.03
N VAL C 95 -32.41 15.77 11.09
CA VAL C 95 -33.20 14.72 11.70
C VAL C 95 -32.32 14.04 12.74
N LEU C 96 -32.93 13.49 13.77
CA LEU C 96 -32.17 12.96 14.88
C LEU C 96 -32.66 11.58 15.27
N ILE C 97 -31.75 10.79 15.83
CA ILE C 97 -32.08 9.52 16.47
C ILE C 97 -31.41 9.50 17.81
N THR C 98 -32.16 9.11 18.83
CA THR C 98 -31.63 9.14 20.18
C THR C 98 -32.06 7.90 20.92
N CYS C 99 -31.18 7.41 21.75
CA CYS C 99 -31.56 6.34 22.62
C CYS C 99 -31.43 6.76 24.07
N THR C 100 -32.08 5.99 24.92
CA THR C 100 -32.33 6.43 26.28
C THR C 100 -32.35 5.21 27.18
N TYR C 101 -31.37 5.10 28.06
CA TYR C 101 -31.34 3.98 29.00
C TYR C 101 -32.08 4.42 30.25
N HIS C 102 -33.28 3.90 30.44
CA HIS C 102 -34.13 4.27 31.56
C HIS C 102 -34.01 5.76 31.83
N GLY C 103 -34.39 6.54 30.83
CA GLY C 103 -34.73 7.93 31.05
C GLY C 103 -33.64 8.94 30.80
N GLN C 104 -32.44 8.51 30.42
CA GLN C 104 -31.33 9.42 30.19
C GLN C 104 -30.77 9.22 28.80
N GLU C 105 -30.55 10.33 28.11
CA GLU C 105 -29.99 10.29 26.76
C GLU C 105 -28.52 9.98 26.84
N PHE C 106 -28.10 8.91 26.21
CA PHE C 106 -26.70 8.57 26.20
C PHE C 106 -26.13 8.57 24.80
N ILE C 107 -26.94 8.92 23.81
CA ILE C 107 -26.47 8.98 22.43
C ILE C 107 -27.46 9.71 21.56
N ARG C 108 -26.95 10.47 20.60
CA ARG C 108 -27.77 11.25 19.69
C ARG C 108 -27.09 11.23 18.33
N VAL C 109 -27.64 10.49 17.40
CA VAL C 109 -27.07 10.55 16.02
C VAL C 109 -27.94 11.49 15.20
N GLY C 110 -27.32 12.27 14.33
CA GLY C 110 -27.94 13.36 13.62
C GLY C 110 -27.48 13.43 12.18
N TYR C 111 -28.38 13.93 11.34
CA TYR C 111 -28.20 14.02 9.90
C TYR C 111 -28.72 15.33 9.39
N TYR C 112 -28.01 15.91 8.46
CA TYR C 112 -28.64 17.00 7.74
C TYR C 112 -29.63 16.40 6.76
N VAL C 113 -30.62 17.20 6.37
CA VAL C 113 -31.62 16.74 5.42
C VAL C 113 -31.91 17.87 4.46
N ASN C 114 -31.75 17.60 3.18
CA ASN C 114 -31.98 18.61 2.15
C ASN C 114 -33.28 18.29 1.43
N ASN C 115 -34.24 19.18 1.58
CA ASN C 115 -35.53 19.06 0.90
C ASN C 115 -35.50 20.05 -0.27
N GLU C 116 -35.56 19.51 -1.48
CA GLU C 116 -35.47 20.30 -2.70
C GLU C 116 -36.70 20.05 -3.55
N TYR C 117 -36.98 21.02 -4.41
CA TYR C 117 -37.81 20.74 -5.55
C TYR C 117 -37.00 20.17 -6.70
N LEU C 118 -37.63 19.28 -7.43
CA LEU C 118 -37.00 18.73 -8.61
C LEU C 118 -37.65 19.18 -9.90
N ASN C 119 -38.93 19.49 -9.87
CA ASN C 119 -39.54 20.18 -10.97
C ASN C 119 -38.67 21.41 -11.25
N PRO C 120 -38.09 21.50 -12.44
CA PRO C 120 -37.08 22.55 -12.70
C PRO C 120 -37.58 23.95 -12.44
N GLU C 121 -38.85 24.22 -12.66
CA GLU C 121 -39.29 25.58 -12.44
C GLU C 121 -39.56 25.86 -10.97
N LEU C 122 -39.99 24.83 -10.24
CA LEU C 122 -40.28 25.02 -8.83
C LEU C 122 -39.02 25.28 -8.04
N ARG C 123 -37.91 24.67 -8.41
CA ARG C 123 -36.68 25.11 -7.81
C ARG C 123 -36.33 26.51 -8.32
N GLU C 124 -36.63 26.80 -9.60
CA GLU C 124 -36.34 28.13 -10.15
C GLU C 124 -37.14 29.22 -9.45
N ASN C 125 -38.45 29.01 -9.31
CA ASN C 125 -39.31 29.98 -8.62
C ASN C 125 -40.29 29.18 -7.78
N PRO C 126 -40.07 29.12 -6.48
CA PRO C 126 -40.85 28.27 -5.64
C PRO C 126 -42.17 28.93 -5.27
N PRO C 127 -43.18 28.13 -5.02
CA PRO C 127 -44.47 28.67 -4.59
C PRO C 127 -44.37 29.15 -3.16
N MET C 128 -45.23 30.11 -2.84
CA MET C 128 -45.17 30.75 -1.53
C MET C 128 -45.41 29.77 -0.42
N LYS C 129 -46.47 29.07 -0.49
CA LYS C 129 -46.71 27.90 0.38
C LYS C 129 -46.05 26.67 -0.23
N PRO C 130 -45.34 25.88 0.57
CA PRO C 130 -44.53 24.78 0.01
C PRO C 130 -45.38 23.59 -0.44
N ASP C 131 -45.09 23.07 -1.62
CA ASP C 131 -45.82 21.89 -2.09
C ASP C 131 -45.12 20.67 -1.57
N PHE C 132 -45.60 20.13 -0.47
CA PHE C 132 -44.83 19.08 0.16
C PHE C 132 -44.82 17.82 -0.68
N SER C 133 -45.92 17.52 -1.38
CA SER C 133 -45.94 16.35 -2.24
C SER C 133 -44.87 16.44 -3.29
N GLN C 134 -44.57 17.65 -3.73
CA GLN C 134 -43.57 17.85 -4.75
C GLN C 134 -42.19 18.08 -4.16
N LEU C 135 -42.03 17.84 -2.87
CA LEU C 135 -40.70 18.02 -2.26
C LEU C 135 -40.01 16.67 -2.13
N GLN C 136 -38.69 16.65 -2.21
CA GLN C 136 -37.90 15.43 -2.01
C GLN C 136 -36.93 15.56 -0.85
N ARG C 137 -36.89 14.52 -0.03
CA ARG C 137 -36.09 14.47 1.18
C ARG C 137 -34.84 13.66 0.92
N ASN C 138 -33.72 14.33 0.91
CA ASN C 138 -32.43 13.68 0.75
C ASN C 138 -31.71 13.81 2.08
N ILE C 139 -31.70 12.71 2.84
CA ILE C 139 -30.89 12.68 4.04
C ILE C 139 -29.43 12.51 3.65
N LEU C 140 -28.54 12.97 4.53
CA LEU C 140 -27.10 12.92 4.28
C LEU C 140 -26.45 11.69 4.91
N ALA C 141 -26.63 10.55 4.24
CA ALA C 141 -25.96 9.33 4.68
C ALA C 141 -24.46 9.47 4.75
N SER C 142 -23.89 10.40 3.98
CA SER C 142 -22.44 10.53 3.92
C SER C 142 -21.85 10.98 5.24
N ASN C 143 -22.60 11.78 5.99
CA ASN C 143 -22.07 12.56 7.11
C ASN C 143 -22.99 12.45 8.31
N PRO C 144 -22.90 11.36 9.04
CA PRO C 144 -23.60 11.27 10.32
C PRO C 144 -22.80 11.94 11.41
N ARG C 145 -23.48 12.29 12.49
CA ARG C 145 -22.84 12.92 13.64
C ARG C 145 -23.33 12.23 14.88
N VAL C 146 -22.46 11.53 15.58
CA VAL C 146 -22.99 10.86 16.78
C VAL C 146 -22.39 11.46 18.03
N THR C 147 -23.28 11.99 18.83
CA THR C 147 -22.99 12.64 20.09
C THR C 147 -23.44 11.70 21.22
N ARG C 148 -22.47 11.25 22.02
CA ARG C 148 -22.70 10.32 23.11
C ARG C 148 -22.49 11.04 24.44
N PHE C 149 -23.52 11.05 25.28
CA PHE C 149 -23.45 11.59 26.62
C PHE C 149 -23.27 10.45 27.60
N HIS C 150 -22.42 10.66 28.60
CA HIS C 150 -22.18 9.58 29.53
C HIS C 150 -23.19 9.70 30.65
N ILE C 151 -23.73 8.56 31.03
CA ILE C 151 -24.85 8.50 31.92
C ILE C 151 -24.53 7.44 32.97
N ASN C 152 -25.50 7.20 33.84
CA ASN C 152 -25.38 6.13 34.82
C ASN C 152 -25.90 4.85 34.20
N TRP C 153 -25.09 3.80 34.25
CA TRP C 153 -25.51 2.54 33.65
C TRP C 153 -25.90 1.49 34.68
N ASP C 154 -25.92 1.84 35.96
CA ASP C 154 -26.26 0.87 36.97
C ASP C 154 -27.74 0.55 36.84
N LEU D 60 24.45 -5.47 -26.82
CA LEU D 60 24.31 -6.91 -26.65
C LEU D 60 25.60 -7.56 -26.13
N LEU D 61 25.48 -8.18 -24.95
CA LEU D 61 26.61 -8.84 -24.26
C LEU D 61 27.40 -9.70 -25.25
N ILE D 62 26.79 -10.77 -25.74
CA ILE D 62 27.53 -11.66 -26.68
C ILE D 62 27.88 -10.86 -27.92
N ARG D 63 29.17 -10.87 -28.29
CA ARG D 63 29.65 -10.23 -29.50
C ARG D 63 29.15 -10.99 -30.72
N LYS D 64 29.55 -10.52 -31.90
CA LYS D 64 28.87 -10.87 -33.14
C LYS D 64 29.67 -11.76 -34.08
N LEU D 65 30.90 -11.39 -34.42
CA LEU D 65 31.59 -12.06 -35.51
C LEU D 65 32.01 -13.47 -35.18
N PRO D 66 32.64 -13.74 -34.02
CA PRO D 66 33.00 -15.15 -33.71
C PRO D 66 31.79 -16.01 -33.53
N PHE D 67 30.73 -15.46 -32.94
CA PHE D 67 29.45 -16.15 -32.92
C PHE D 67 29.04 -16.55 -34.33
N GLN D 68 29.10 -15.58 -35.25
CA GLN D 68 28.73 -15.79 -36.68
C GLN D 68 29.45 -17.04 -37.22
N ARG D 69 30.74 -17.17 -36.91
CA ARG D 69 31.58 -18.31 -37.38
C ARG D 69 31.08 -19.63 -36.79
N LEU D 70 30.73 -19.64 -35.50
CA LEU D 70 30.27 -20.90 -34.88
C LEU D 70 28.93 -21.31 -35.47
N VAL D 71 28.00 -20.40 -35.53
CA VAL D 71 26.75 -20.75 -36.19
C VAL D 71 27.01 -21.28 -37.58
N ARG D 72 27.87 -20.61 -38.36
CA ARG D 72 28.11 -21.05 -39.73
C ARG D 72 28.69 -22.45 -39.75
N GLU D 73 29.63 -22.73 -38.84
CA GLU D 73 30.17 -24.07 -38.77
C GLU D 73 29.09 -25.06 -38.35
N ILE D 74 28.20 -24.65 -37.46
CA ILE D 74 27.12 -25.55 -37.08
C ILE D 74 26.19 -25.77 -38.25
N ALA D 75 25.95 -24.72 -39.06
CA ALA D 75 25.16 -24.89 -40.26
C ALA D 75 25.75 -25.97 -41.17
N GLN D 76 27.08 -26.10 -41.17
CA GLN D 76 27.72 -27.11 -42.00
C GLN D 76 27.36 -28.52 -41.57
N ASP D 77 26.94 -28.74 -40.32
CA ASP D 77 26.61 -30.10 -39.88
C ASP D 77 25.47 -30.68 -40.70
N PHE D 78 24.48 -29.86 -41.00
CA PHE D 78 23.25 -30.26 -41.65
C PHE D 78 23.23 -29.92 -43.14
N LYS D 79 23.78 -28.77 -43.52
CA LYS D 79 24.00 -28.47 -44.94
C LYS D 79 25.00 -27.33 -45.01
N THR D 80 26.15 -27.57 -45.65
CA THR D 80 27.17 -26.52 -45.76
C THR D 80 26.61 -25.28 -46.44
N ASP D 81 25.78 -25.45 -47.47
CA ASP D 81 25.26 -24.31 -48.21
C ASP D 81 23.99 -23.79 -47.57
N LEU D 82 24.17 -23.18 -46.40
CA LEU D 82 23.07 -22.55 -45.67
C LEU D 82 23.58 -21.25 -45.06
N ARG D 83 22.96 -20.14 -45.41
CA ARG D 83 23.48 -18.82 -45.06
C ARG D 83 22.38 -17.95 -44.46
N PHE D 84 22.56 -17.57 -43.22
CA PHE D 84 21.71 -16.63 -42.53
C PHE D 84 22.08 -15.21 -42.90
N GLN D 85 21.28 -14.28 -42.45
CA GLN D 85 21.60 -12.87 -42.64
C GLN D 85 21.65 -12.19 -41.27
N SER D 86 22.05 -10.92 -41.27
CA SER D 86 22.16 -10.16 -40.03
C SER D 86 20.88 -10.24 -39.21
N ALA D 87 19.74 -10.48 -39.87
CA ALA D 87 18.48 -10.63 -39.15
C ALA D 87 18.50 -11.89 -38.29
N ALA D 88 18.68 -13.06 -38.92
CA ALA D 88 18.63 -14.32 -38.20
C ALA D 88 19.77 -14.43 -37.18
N ILE D 89 20.91 -13.81 -37.46
CA ILE D 89 22.00 -13.88 -36.50
C ILE D 89 21.61 -13.13 -35.23
N GLY D 90 20.86 -12.03 -35.35
CA GLY D 90 20.41 -11.33 -34.17
C GLY D 90 19.39 -12.11 -33.38
N ALA D 91 18.59 -12.92 -34.07
CA ALA D 91 17.62 -13.76 -33.37
C ALA D 91 18.33 -14.69 -32.42
N LEU D 92 19.28 -15.45 -32.95
CA LEU D 92 19.97 -16.43 -32.13
C LEU D 92 20.77 -15.74 -31.02
N GLN D 93 21.45 -14.65 -31.33
CA GLN D 93 22.17 -13.95 -30.29
C GLN D 93 21.23 -13.56 -29.17
N GLU D 94 20.05 -13.02 -29.54
CA GLU D 94 19.10 -12.61 -28.53
C GLU D 94 18.60 -13.80 -27.72
N ALA D 95 18.22 -14.88 -28.43
CA ALA D 95 17.73 -16.04 -27.71
C ALA D 95 18.80 -16.59 -26.78
N SER D 96 20.01 -16.73 -27.29
CA SER D 96 21.10 -17.28 -26.51
C SER D 96 21.28 -16.52 -25.21
N GLU D 97 21.35 -15.19 -25.27
CA GLU D 97 21.52 -14.45 -24.04
C GLU D 97 20.44 -14.83 -23.04
N ALA D 98 19.18 -14.83 -23.50
CA ALA D 98 18.08 -15.19 -22.60
C ALA D 98 18.25 -16.60 -22.07
N TYR D 99 18.64 -17.52 -22.92
CA TYR D 99 18.82 -18.89 -22.52
C TYR D 99 19.84 -18.99 -21.39
N LEU D 100 21.05 -18.51 -21.65
CA LEU D 100 22.10 -18.69 -20.68
C LEU D 100 21.82 -17.86 -19.45
N VAL D 101 21.21 -16.69 -19.61
CA VAL D 101 21.02 -15.80 -18.46
C VAL D 101 20.07 -16.44 -17.45
N GLY D 102 18.98 -16.99 -17.95
CA GLY D 102 18.09 -17.72 -17.03
C GLY D 102 18.80 -18.95 -16.55
N LEU D 103 19.59 -19.56 -17.43
CA LEU D 103 20.37 -20.75 -17.05
C LEU D 103 21.23 -20.44 -15.85
N PHE D 104 21.99 -19.35 -15.82
CA PHE D 104 22.87 -19.08 -14.67
C PHE D 104 22.07 -18.60 -13.46
N GLU D 105 20.89 -18.04 -13.72
CA GLU D 105 20.00 -17.54 -12.64
C GLU D 105 19.65 -18.73 -11.74
N ASP D 106 19.30 -19.85 -12.37
CA ASP D 106 18.97 -21.09 -11.65
C ASP D 106 20.26 -21.76 -11.18
N THR D 107 21.27 -21.84 -12.05
CA THR D 107 22.57 -22.41 -11.66
C THR D 107 22.97 -21.77 -10.35
N ASN D 108 22.90 -20.45 -10.27
CA ASN D 108 23.32 -19.83 -9.03
C ASN D 108 22.40 -20.25 -7.89
N LEU D 109 21.11 -20.40 -8.19
CA LEU D 109 20.14 -20.82 -7.18
C LEU D 109 20.47 -22.21 -6.66
N CYS D 110 20.73 -23.12 -7.58
CA CYS D 110 21.18 -24.45 -7.21
C CYS D 110 22.41 -24.38 -6.34
N ALA D 111 23.36 -23.54 -6.70
CA ALA D 111 24.50 -23.39 -5.83
C ALA D 111 24.07 -22.82 -4.50
N ILE D 112 23.00 -22.04 -4.50
CA ILE D 112 22.64 -21.36 -3.26
C ILE D 112 22.27 -22.39 -2.21
N HIS D 113 21.27 -23.21 -2.49
CA HIS D 113 20.92 -24.16 -1.45
C HIS D 113 21.95 -25.27 -1.29
N ALA D 114 22.75 -25.55 -2.30
CA ALA D 114 23.97 -26.28 -2.04
C ALA D 114 24.85 -25.47 -1.09
N LYS D 115 25.66 -26.18 -0.31
CA LYS D 115 26.64 -25.49 0.53
C LYS D 115 27.74 -24.96 -0.39
N ARG D 116 27.44 -23.90 -1.15
CA ARG D 116 28.40 -23.41 -2.13
C ARG D 116 28.08 -21.96 -2.50
N VAL D 117 29.14 -21.17 -2.65
CA VAL D 117 29.00 -19.78 -3.11
C VAL D 117 29.29 -19.62 -4.59
N THR D 118 30.01 -20.56 -5.18
CA THR D 118 30.58 -20.44 -6.51
C THR D 118 30.05 -21.60 -7.34
N ILE D 119 29.47 -21.30 -8.49
CA ILE D 119 28.78 -22.31 -9.33
C ILE D 119 29.74 -23.30 -9.97
N MET D 120 29.28 -24.53 -10.07
CA MET D 120 30.06 -25.64 -10.59
C MET D 120 29.34 -26.19 -11.80
N PRO D 121 30.03 -26.95 -12.64
CA PRO D 121 29.35 -27.64 -13.75
C PRO D 121 28.19 -28.50 -13.29
N LYS D 122 28.19 -28.91 -12.04
CA LYS D 122 27.02 -29.67 -11.57
C LYS D 122 25.81 -28.75 -11.64
N ASP D 123 25.99 -27.50 -11.26
CA ASP D 123 24.85 -26.58 -11.15
C ASP D 123 24.32 -26.19 -12.51
N ILE D 124 25.20 -25.95 -13.46
CA ILE D 124 24.75 -25.73 -14.82
C ILE D 124 23.95 -26.92 -15.29
N GLN D 125 24.46 -28.12 -15.01
CA GLN D 125 23.78 -29.32 -15.45
C GLN D 125 22.42 -29.44 -14.80
N LEU D 126 22.37 -29.13 -13.50
CA LEU D 126 21.12 -29.23 -12.76
C LEU D 126 20.10 -28.18 -13.22
N ALA D 127 20.50 -26.91 -13.29
CA ALA D 127 19.61 -25.94 -13.89
C ALA D 127 19.24 -26.34 -15.30
N ARG D 128 20.19 -26.88 -16.02
CA ARG D 128 19.88 -27.27 -17.39
C ARG D 128 18.72 -28.26 -17.37
N ARG D 129 18.65 -29.07 -16.33
CA ARG D 129 17.62 -30.14 -16.18
C ARG D 129 16.23 -29.56 -15.95
N ILE D 130 16.14 -28.41 -15.30
CA ILE D 130 14.78 -27.88 -15.02
C ILE D 130 14.06 -27.52 -16.30
N ARG D 131 14.75 -26.94 -17.30
CA ARG D 131 14.13 -26.72 -18.63
C ARG D 131 14.17 -28.10 -19.29
N GLY D 132 15.29 -28.78 -19.04
CA GLY D 132 15.62 -30.19 -19.37
C GLY D 132 15.95 -30.46 -20.80
N GLU D 133 15.44 -29.61 -21.69
CA GLU D 133 15.55 -29.63 -23.18
C GLU D 133 14.69 -30.73 -23.83
N ARG D 134 13.90 -31.49 -23.04
CA ARG D 134 13.08 -32.67 -23.46
C ARG D 134 11.64 -32.60 -22.91
N ASP E 24 35.42 -27.17 -34.97
CA ASP E 24 36.75 -27.45 -34.39
C ASP E 24 36.69 -27.06 -32.92
N ASN E 25 37.67 -26.28 -32.47
CA ASN E 25 37.65 -25.67 -31.11
C ASN E 25 37.16 -24.23 -31.22
N ILE E 26 36.51 -23.90 -32.32
CA ILE E 26 35.89 -22.61 -32.65
C ILE E 26 34.90 -22.29 -31.56
N GLN E 27 34.89 -21.03 -31.15
CA GLN E 27 34.04 -20.50 -30.10
C GLN E 27 33.10 -19.43 -30.64
N GLY E 28 31.91 -19.38 -30.06
CA GLY E 28 30.91 -18.39 -30.41
C GLY E 28 30.68 -17.36 -29.33
N ILE E 29 31.19 -17.61 -28.13
CA ILE E 29 30.97 -16.72 -27.01
C ILE E 29 32.29 -16.52 -26.27
N THR E 30 32.61 -15.27 -25.97
CA THR E 30 33.85 -15.02 -25.27
C THR E 30 33.68 -15.35 -23.80
N LYS E 31 34.79 -15.39 -23.09
CA LYS E 31 34.76 -15.61 -21.62
C LYS E 31 34.25 -14.36 -20.92
N PRO E 32 34.64 -13.18 -21.36
CA PRO E 32 34.06 -11.98 -20.72
C PRO E 32 32.56 -11.91 -20.87
N ALA E 33 32.03 -12.35 -22.02
CA ALA E 33 30.59 -12.37 -22.21
C ALA E 33 29.92 -13.35 -21.27
N ILE E 34 30.60 -14.46 -20.97
CA ILE E 34 30.04 -15.41 -20.01
C ILE E 34 29.90 -14.76 -18.64
N ARG E 35 30.95 -14.11 -18.21
CA ARG E 35 31.00 -13.42 -16.91
C ARG E 35 29.91 -12.34 -16.84
N ARG E 36 29.57 -11.67 -17.93
CA ARG E 36 28.50 -10.68 -17.95
C ARG E 36 27.12 -11.35 -18.02
N LEU E 37 26.95 -12.34 -18.91
CA LEU E 37 25.74 -13.17 -18.82
C LEU E 37 25.58 -13.76 -17.44
N ALA E 38 26.69 -14.13 -16.80
CA ALA E 38 26.63 -14.76 -15.49
C ALA E 38 26.02 -13.84 -14.45
N ARG E 39 26.57 -12.63 -14.31
CA ARG E 39 25.99 -11.73 -13.33
C ARG E 39 24.59 -11.31 -13.73
N ARG E 40 24.31 -11.21 -15.02
CA ARG E 40 22.94 -10.99 -15.47
C ARG E 40 22.04 -12.08 -14.93
N GLY E 41 22.59 -13.27 -14.67
CA GLY E 41 21.86 -14.35 -14.02
C GLY E 41 21.95 -14.22 -12.52
N GLY E 42 22.97 -13.53 -12.02
CA GLY E 42 23.05 -13.18 -10.62
C GLY E 42 24.11 -13.89 -9.83
N VAL E 43 24.91 -14.75 -10.46
CA VAL E 43 25.84 -15.56 -9.70
C VAL E 43 26.93 -14.70 -9.11
N LYS E 44 27.34 -15.02 -7.89
CA LYS E 44 28.41 -14.26 -7.26
C LYS E 44 29.77 -14.59 -7.85
N ARG E 45 30.25 -15.82 -7.65
CA ARG E 45 31.56 -16.25 -8.13
C ARG E 45 31.43 -17.57 -8.88
N ILE E 46 32.39 -17.84 -9.78
CA ILE E 46 32.36 -19.03 -10.60
C ILE E 46 33.71 -19.76 -10.54
N SER E 47 33.66 -21.05 -10.76
CA SER E 47 34.89 -21.83 -10.77
C SER E 47 35.49 -21.76 -12.15
N GLY E 48 36.55 -22.52 -12.39
CA GLY E 48 37.21 -22.45 -13.68
C GLY E 48 36.47 -23.19 -14.77
N LEU E 49 35.97 -24.37 -14.43
CA LEU E 49 35.33 -25.19 -15.44
C LEU E 49 34.08 -24.57 -16.01
N ILE E 50 33.65 -23.46 -15.46
CA ILE E 50 32.37 -22.85 -15.91
C ILE E 50 32.43 -22.36 -17.34
N TYR E 51 33.63 -21.99 -17.77
CA TYR E 51 33.90 -21.50 -19.15
C TYR E 51 33.74 -22.60 -20.22
N GLU E 52 34.28 -23.81 -20.04
CA GLU E 52 34.09 -24.89 -20.99
C GLU E 52 32.68 -25.48 -20.90
N GLU E 53 32.08 -25.43 -19.71
CA GLU E 53 30.75 -26.01 -19.54
C GLU E 53 29.70 -25.19 -20.27
N THR E 54 29.67 -23.89 -19.97
CA THR E 54 28.79 -22.98 -20.68
C THR E 54 28.97 -23.10 -22.18
N ARG E 55 30.22 -23.09 -22.63
CA ARG E 55 30.45 -23.22 -24.05
C ARG E 55 29.79 -24.47 -24.58
N GLY E 56 29.93 -25.59 -23.88
CA GLY E 56 29.34 -26.82 -24.36
C GLY E 56 27.83 -26.77 -24.35
N VAL E 57 27.26 -26.20 -23.29
CA VAL E 57 25.81 -26.13 -23.20
C VAL E 57 25.25 -25.24 -24.28
N LEU E 58 25.92 -24.11 -24.54
CA LEU E 58 25.51 -23.24 -25.62
C LEU E 58 25.50 -24.00 -26.93
N LYS E 59 26.60 -24.68 -27.25
CA LYS E 59 26.68 -25.43 -28.49
C LYS E 59 25.47 -26.31 -28.66
N VAL E 60 25.10 -27.03 -27.61
CA VAL E 60 23.94 -27.91 -27.72
C VAL E 60 22.70 -27.12 -28.09
N PHE E 61 22.49 -26.00 -27.41
CA PHE E 61 21.36 -25.16 -27.75
C PHE E 61 21.31 -24.92 -29.25
N LEU E 62 22.43 -24.49 -29.82
CA LEU E 62 22.45 -24.16 -31.23
C LEU E 62 22.24 -25.40 -32.09
N GLU E 63 22.87 -26.52 -31.71
CA GLU E 63 22.75 -27.74 -32.50
C GLU E 63 21.29 -28.12 -32.66
N ASN E 64 20.58 -28.20 -31.55
CA ASN E 64 19.19 -28.61 -31.62
C ASN E 64 18.35 -27.59 -32.38
N VAL E 65 18.54 -26.30 -32.10
CA VAL E 65 17.66 -25.31 -32.73
C VAL E 65 17.81 -25.35 -34.24
N ILE E 66 19.04 -25.28 -34.73
CA ILE E 66 19.24 -25.06 -36.15
C ILE E 66 19.06 -26.33 -36.94
N ARG E 67 19.20 -27.49 -36.29
CA ARG E 67 18.75 -28.72 -36.93
C ARG E 67 17.27 -28.64 -37.24
N ASP E 68 16.46 -28.26 -36.25
CA ASP E 68 15.04 -28.02 -36.51
C ASP E 68 14.87 -26.90 -37.53
N ALA E 69 15.69 -25.86 -37.43
CA ALA E 69 15.56 -24.75 -38.35
C ALA E 69 15.76 -25.22 -39.79
N VAL E 70 16.86 -25.94 -40.05
CA VAL E 70 17.15 -26.32 -41.42
C VAL E 70 16.16 -27.32 -41.98
N THR E 71 15.45 -28.00 -41.07
CA THR E 71 14.37 -28.93 -41.47
C THR E 71 13.22 -28.09 -42.06
N TYR E 72 13.08 -26.85 -41.62
CA TYR E 72 11.98 -25.99 -42.11
C TYR E 72 12.40 -25.26 -43.39
N THR E 73 13.61 -25.55 -43.89
CA THR E 73 14.10 -24.83 -45.05
C THR E 73 14.17 -25.74 -46.28
N GLU E 74 14.87 -26.86 -46.16
CA GLU E 74 14.89 -27.83 -47.24
C GLU E 74 13.48 -28.30 -47.56
N HIS E 75 12.65 -28.53 -46.54
CA HIS E 75 11.24 -28.80 -46.74
C HIS E 75 10.44 -27.56 -47.10
N ALA E 76 11.04 -26.39 -47.06
CA ALA E 76 10.44 -25.22 -47.66
C ALA E 76 10.91 -25.00 -49.08
N LYS E 77 11.56 -26.00 -49.68
CA LYS E 77 11.99 -25.93 -51.07
C LYS E 77 12.96 -24.77 -51.29
N ARG E 78 13.77 -24.44 -50.30
CA ARG E 78 14.79 -23.40 -50.42
C ARG E 78 15.89 -23.68 -49.41
N LYS E 79 17.12 -23.82 -49.89
CA LYS E 79 18.23 -24.23 -49.05
C LYS E 79 18.90 -23.05 -48.34
N THR E 80 18.18 -21.96 -48.18
CA THR E 80 18.60 -20.81 -47.40
C THR E 80 17.57 -20.62 -46.30
N VAL E 81 18.05 -20.55 -45.07
CA VAL E 81 17.18 -20.49 -43.90
C VAL E 81 17.26 -19.07 -43.37
N THR E 82 16.10 -18.41 -43.35
CA THR E 82 15.92 -17.07 -42.83
C THR E 82 15.39 -17.12 -41.41
N ALA E 83 15.27 -15.95 -40.77
CA ALA E 83 14.68 -15.89 -39.43
C ALA E 83 13.36 -16.64 -39.35
N MET E 84 12.61 -16.66 -40.45
CA MET E 84 11.39 -17.46 -40.50
C MET E 84 11.65 -18.88 -39.98
N ASP E 85 12.60 -19.58 -40.59
CA ASP E 85 12.81 -20.99 -40.24
C ASP E 85 13.37 -21.15 -38.84
N VAL E 86 14.07 -20.14 -38.33
CA VAL E 86 14.69 -20.30 -37.02
C VAL E 86 13.70 -20.00 -35.91
N VAL E 87 12.77 -19.12 -36.24
CA VAL E 87 11.68 -18.79 -35.29
C VAL E 87 10.77 -20.00 -35.25
N TYR E 88 10.62 -20.68 -36.40
CA TYR E 88 9.80 -21.93 -36.48
C TYR E 88 10.44 -22.98 -35.57
N ALA E 89 11.79 -23.07 -35.59
CA ALA E 89 12.48 -23.97 -34.70
C ALA E 89 12.40 -23.49 -33.25
N LEU E 90 12.57 -22.19 -33.02
CA LEU E 90 12.56 -21.66 -31.67
C LEU E 90 11.29 -21.99 -30.93
N LYS E 91 10.21 -22.26 -31.67
CA LYS E 91 8.95 -22.57 -31.03
C LYS E 91 9.05 -23.85 -30.22
N ARG E 92 9.63 -24.87 -30.85
CA ARG E 92 9.77 -26.22 -30.28
C ARG E 92 10.74 -26.26 -29.11
N GLN E 93 11.29 -25.14 -28.73
CA GLN E 93 12.33 -25.16 -27.70
C GLN E 93 11.78 -25.09 -26.29
N GLY E 94 10.55 -24.66 -26.12
CA GLY E 94 10.04 -24.56 -24.77
C GLY E 94 10.28 -23.18 -24.18
N ARG E 95 9.57 -22.92 -23.10
CA ARG E 95 9.55 -21.57 -22.54
C ARG E 95 9.26 -21.69 -21.06
N THR E 96 10.24 -21.36 -20.24
CA THR E 96 10.16 -21.57 -18.81
C THR E 96 9.56 -20.35 -18.10
N LEU E 97 8.94 -20.61 -16.97
CA LEU E 97 8.32 -19.55 -16.18
C LEU E 97 8.58 -19.84 -14.71
N TYR E 98 8.59 -18.80 -13.92
CA TYR E 98 8.88 -18.93 -12.50
C TYR E 98 7.64 -19.26 -11.69
N GLY E 99 6.62 -19.82 -12.30
CA GLY E 99 5.41 -20.19 -11.60
C GLY E 99 4.28 -20.26 -12.60
N PHE E 100 3.10 -20.63 -12.08
CA PHE E 100 1.94 -20.85 -12.92
C PHE E 100 1.14 -19.57 -13.22
N GLY E 101 1.72 -18.40 -13.00
CA GLY E 101 0.98 -17.17 -13.25
C GLY E 101 1.03 -16.77 -14.72
N MET F 1 -6.18 -23.59 -28.51
CA MET F 1 -4.76 -23.70 -28.19
C MET F 1 -4.54 -24.75 -27.09
N ALA F 2 -3.98 -24.34 -25.96
CA ALA F 2 -3.68 -25.24 -24.86
C ALA F 2 -4.95 -25.54 -24.06
N LYS F 3 -5.32 -26.82 -23.98
CA LYS F 3 -6.53 -27.25 -23.31
C LYS F 3 -6.31 -27.77 -21.89
N VAL F 4 -5.10 -28.12 -21.52
CA VAL F 4 -4.77 -28.43 -20.14
C VAL F 4 -3.86 -27.32 -19.67
N SER F 5 -4.32 -26.58 -18.69
CA SER F 5 -3.48 -25.59 -18.05
C SER F 5 -3.36 -26.00 -16.60
N VAL F 6 -2.14 -26.04 -16.09
CA VAL F 6 -1.89 -26.46 -14.73
C VAL F 6 -1.93 -25.25 -13.83
N LEU F 7 -2.77 -25.29 -12.81
CA LEU F 7 -2.98 -24.12 -12.00
C LEU F 7 -1.97 -24.04 -10.86
N ASN F 8 -1.74 -25.16 -10.19
CA ASN F 8 -0.76 -25.15 -9.12
C ASN F 8 -0.48 -26.58 -8.69
N VAL F 9 0.77 -26.80 -8.25
CA VAL F 9 1.21 -28.06 -7.66
C VAL F 9 1.55 -27.81 -6.21
N ALA F 10 0.76 -28.36 -5.30
CA ALA F 10 1.02 -28.19 -3.88
C ALA F 10 1.97 -29.30 -3.43
N VAL F 11 3.18 -28.92 -3.02
CA VAL F 11 4.14 -29.89 -2.52
C VAL F 11 3.75 -30.25 -1.08
N LEU F 12 3.31 -31.49 -0.89
CA LEU F 12 2.69 -31.91 0.34
C LEU F 12 3.67 -32.74 1.18
N GLU F 13 3.49 -32.67 2.50
CA GLU F 13 4.26 -33.44 3.45
C GLU F 13 5.75 -33.21 3.23
N ASN F 14 6.10 -31.94 3.06
CA ASN F 14 7.47 -31.57 2.94
C ASN F 14 7.79 -30.62 4.06
N PRO F 15 8.99 -30.72 4.65
CA PRO F 15 10.06 -31.66 4.37
C PRO F 15 9.74 -33.05 4.87
N SER F 16 10.51 -34.05 4.49
CA SER F 16 10.17 -35.43 4.77
C SER F 16 11.43 -36.28 4.77
N PRO F 17 11.47 -37.36 5.56
CA PRO F 17 12.59 -38.27 5.44
C PRO F 17 12.66 -38.78 4.03
N PHE F 18 13.87 -39.19 3.67
CA PHE F 18 14.12 -39.69 2.34
C PHE F 18 13.10 -40.75 1.95
N HIS F 19 13.02 -41.83 2.73
CA HIS F 19 12.16 -42.94 2.35
C HIS F 19 10.72 -42.49 2.12
N SER F 20 10.29 -41.44 2.81
CA SER F 20 8.90 -41.02 2.77
C SER F 20 8.50 -40.63 1.35
N PRO F 21 7.29 -40.97 0.92
CA PRO F 21 6.95 -40.80 -0.50
C PRO F 21 6.88 -39.34 -0.87
N PHE F 22 6.80 -39.13 -2.17
CA PHE F 22 6.49 -37.82 -2.71
C PHE F 22 4.98 -37.67 -2.75
N ARG F 23 4.50 -36.48 -2.43
CA ARG F 23 3.07 -36.21 -2.52
C ARG F 23 2.90 -34.86 -3.19
N PHE F 24 1.95 -34.79 -4.13
CA PHE F 24 1.67 -33.55 -4.84
C PHE F 24 0.19 -33.47 -5.15
N GLU F 25 -0.48 -32.44 -4.65
CA GLU F 25 -1.87 -32.21 -5.02
C GLU F 25 -1.88 -31.34 -6.26
N ILE F 26 -2.15 -31.97 -7.39
CA ILE F 26 -2.06 -31.30 -8.67
C ILE F 26 -3.42 -30.74 -9.02
N SER F 27 -3.45 -29.46 -9.26
CA SER F 27 -4.66 -28.76 -9.63
C SER F 27 -4.52 -28.33 -11.08
N PHE F 28 -5.38 -28.85 -11.96
CA PHE F 28 -5.30 -28.48 -13.36
C PHE F 28 -6.68 -28.35 -13.98
N GLU F 29 -6.72 -27.60 -15.07
CA GLU F 29 -7.97 -27.27 -15.72
C GLU F 29 -7.98 -27.80 -17.15
N CYS F 30 -9.18 -28.23 -17.56
CA CYS F 30 -9.42 -28.79 -18.91
C CYS F 30 -10.41 -27.90 -19.67
N SER F 31 -9.94 -27.22 -20.72
CA SER F 31 -10.75 -26.32 -21.52
C SER F 31 -11.93 -27.06 -22.13
N GLU F 32 -11.63 -28.01 -23.02
CA GLU F 32 -12.62 -28.88 -23.61
C GLU F 32 -12.68 -30.18 -22.81
N ALA F 33 -13.43 -31.14 -23.32
CA ALA F 33 -13.27 -32.50 -22.85
C ALA F 33 -12.38 -33.21 -23.87
N LEU F 34 -11.37 -33.91 -23.38
CA LEU F 34 -10.35 -34.49 -24.23
C LEU F 34 -10.64 -35.95 -24.40
N ALA F 35 -10.55 -36.43 -25.63
CA ALA F 35 -10.83 -37.80 -25.92
C ALA F 35 -9.58 -38.65 -25.99
N ASP F 36 -8.45 -38.15 -25.50
CA ASP F 36 -7.25 -38.97 -25.51
C ASP F 36 -6.68 -39.12 -24.12
N ASP F 37 -5.45 -39.60 -24.03
CA ASP F 37 -4.91 -40.00 -22.74
C ASP F 37 -4.02 -38.93 -22.17
N LEU F 38 -4.27 -38.59 -20.91
CA LEU F 38 -3.33 -37.83 -20.14
C LEU F 38 -2.46 -38.77 -19.32
N GLU F 39 -1.17 -38.48 -19.26
CA GLU F 39 -0.28 -39.25 -18.39
C GLU F 39 0.62 -38.34 -17.59
N TRP F 40 0.53 -38.47 -16.28
CA TRP F 40 1.31 -37.71 -15.30
C TRP F 40 2.38 -38.63 -14.77
N LYS F 41 3.63 -38.27 -14.97
CA LYS F 41 4.78 -39.05 -14.49
C LYS F 41 5.57 -38.21 -13.52
N ILE F 42 6.02 -38.79 -12.43
CA ILE F 42 7.00 -38.17 -11.54
C ILE F 42 8.34 -38.86 -11.76
N ILE F 43 9.34 -38.09 -12.19
CA ILE F 43 10.67 -38.57 -12.48
C ILE F 43 11.67 -37.89 -11.58
N TYR F 44 12.65 -38.65 -11.13
CA TYR F 44 13.59 -38.20 -10.12
C TYR F 44 14.97 -38.19 -10.74
N VAL F 45 15.60 -37.03 -10.78
CA VAL F 45 16.94 -36.98 -11.35
C VAL F 45 17.91 -37.58 -10.34
N GLY F 46 18.46 -38.74 -10.67
CA GLY F 46 19.33 -39.41 -9.74
C GLY F 46 20.75 -38.93 -9.79
N SER F 47 21.22 -38.52 -10.96
CA SER F 47 22.53 -37.89 -11.05
C SER F 47 22.51 -36.84 -12.14
N ALA F 48 22.97 -35.65 -11.78
CA ALA F 48 23.15 -34.56 -12.72
C ALA F 48 24.04 -34.92 -13.88
N GLU F 49 24.79 -36.00 -13.79
CA GLU F 49 25.75 -36.22 -14.85
C GLU F 49 25.20 -37.07 -15.95
N SER F 50 23.96 -37.53 -15.82
CA SER F 50 23.41 -38.34 -16.90
C SER F 50 21.93 -38.53 -16.66
N GLU F 51 21.19 -38.51 -17.75
CA GLU F 51 19.80 -38.88 -17.67
C GLU F 51 19.60 -40.38 -17.46
N GLU F 52 20.67 -41.18 -17.59
CA GLU F 52 20.51 -42.62 -17.45
C GLU F 52 20.14 -43.04 -16.04
N PHE F 53 20.09 -42.12 -15.08
CA PHE F 53 19.88 -42.44 -13.68
C PHE F 53 18.58 -41.92 -13.14
N ASP F 54 17.78 -41.31 -14.00
CA ASP F 54 16.52 -40.78 -13.56
C ASP F 54 15.53 -41.91 -13.36
N GLN F 55 14.81 -41.84 -12.25
CA GLN F 55 13.85 -42.86 -11.88
C GLN F 55 12.45 -42.29 -12.08
N ILE F 56 11.60 -43.02 -12.80
CA ILE F 56 10.19 -42.67 -12.88
C ILE F 56 9.53 -43.27 -11.65
N LEU F 57 9.16 -42.45 -10.69
CA LEU F 57 8.65 -42.98 -9.44
C LEU F 57 7.20 -43.45 -9.53
N ASP F 58 6.40 -42.91 -10.44
CA ASP F 58 5.04 -43.41 -10.65
C ASP F 58 4.48 -42.74 -11.88
N SER F 59 3.44 -43.35 -12.43
CA SER F 59 2.77 -42.84 -13.61
C SER F 59 1.27 -42.96 -13.40
N VAL F 60 0.53 -42.00 -13.96
CA VAL F 60 -0.92 -41.96 -13.84
C VAL F 60 -1.52 -41.71 -15.21
N LEU F 61 -2.36 -42.62 -15.66
CA LEU F 61 -2.87 -42.57 -17.01
C LEU F 61 -4.37 -42.41 -16.95
N VAL F 62 -4.91 -41.53 -17.80
CA VAL F 62 -6.33 -41.20 -17.76
C VAL F 62 -6.85 -41.01 -19.18
N GLY F 63 -8.06 -41.49 -19.43
CA GLY F 63 -8.72 -41.26 -20.69
C GLY F 63 -10.16 -41.76 -20.73
N PRO F 64 -11.07 -40.93 -21.24
CA PRO F 64 -10.89 -39.55 -21.67
C PRO F 64 -10.93 -38.64 -20.47
N VAL F 65 -10.83 -37.34 -20.76
CA VAL F 65 -10.75 -36.39 -19.68
C VAL F 65 -11.94 -35.44 -19.81
N PRO F 66 -12.84 -35.43 -18.84
CA PRO F 66 -13.93 -34.45 -18.88
C PRO F 66 -13.39 -33.07 -18.59
N ALA F 67 -14.15 -32.06 -19.04
CA ALA F 67 -13.70 -30.67 -18.90
C ALA F 67 -13.87 -30.18 -17.46
N GLY F 68 -13.16 -29.09 -17.16
CA GLY F 68 -13.26 -28.42 -15.87
C GLY F 68 -11.97 -28.52 -15.06
N ARG F 69 -12.10 -28.22 -13.78
CA ARG F 69 -10.97 -28.21 -12.85
C ARG F 69 -10.85 -29.56 -12.15
N HIS F 70 -9.62 -29.92 -11.79
CA HIS F 70 -9.39 -31.23 -11.20
C HIS F 70 -8.24 -31.15 -10.23
N MET F 71 -8.43 -31.77 -9.08
CA MET F 71 -7.40 -31.91 -8.08
C MET F 71 -7.16 -33.38 -7.84
N PHE F 72 -5.93 -33.74 -7.55
CA PHE F 72 -5.64 -35.09 -7.11
C PHE F 72 -4.27 -35.11 -6.48
N VAL F 73 -4.07 -36.03 -5.56
CA VAL F 73 -2.78 -36.18 -4.91
C VAL F 73 -2.03 -37.26 -5.66
N PHE F 74 -1.04 -36.85 -6.44
CA PHE F 74 -0.10 -37.78 -7.06
C PHE F 74 0.93 -38.12 -5.98
N GLN F 75 0.81 -39.29 -5.40
CA GLN F 75 1.81 -39.77 -4.45
C GLN F 75 2.63 -40.86 -5.11
N ALA F 76 3.92 -40.61 -5.24
CA ALA F 76 4.85 -41.59 -5.74
C ALA F 76 5.87 -41.92 -4.66
N ASP F 77 6.47 -43.08 -4.81
CA ASP F 77 7.37 -43.50 -3.77
C ASP F 77 8.76 -42.94 -4.02
N ALA F 78 9.49 -42.79 -2.92
CA ALA F 78 10.85 -42.35 -2.97
C ALA F 78 11.69 -43.31 -3.82
N PRO F 79 12.76 -42.81 -4.42
CA PRO F 79 13.48 -43.58 -5.42
C PRO F 79 14.28 -44.71 -4.81
N ASN F 80 14.89 -45.50 -5.69
CA ASN F 80 15.66 -46.65 -5.27
C ASN F 80 17.10 -46.23 -5.08
N PRO F 81 17.57 -46.09 -3.83
CA PRO F 81 18.97 -45.68 -3.65
C PRO F 81 19.94 -46.55 -4.38
N SER F 82 19.63 -47.82 -4.53
CA SER F 82 20.57 -48.70 -5.19
C SER F 82 20.83 -48.28 -6.62
N LEU F 83 19.99 -47.40 -7.18
CA LEU F 83 20.17 -46.88 -8.53
C LEU F 83 20.77 -45.49 -8.53
N ILE F 84 21.12 -44.95 -7.39
CA ILE F 84 21.55 -43.57 -7.28
C ILE F 84 23.06 -43.57 -7.08
N PRO F 85 23.79 -42.83 -7.91
CA PRO F 85 25.24 -42.69 -7.71
C PRO F 85 25.57 -42.00 -6.41
N GLU F 86 26.63 -42.45 -5.75
CA GLU F 86 26.91 -41.93 -4.43
C GLU F 86 27.41 -40.50 -4.49
N THR F 87 28.21 -40.14 -5.51
CA THR F 87 28.62 -38.73 -5.58
C THR F 87 27.46 -37.79 -5.84
N ASP F 88 26.30 -38.30 -6.17
CA ASP F 88 25.15 -37.46 -6.37
C ASP F 88 24.10 -37.70 -5.30
N ALA F 89 24.36 -38.61 -4.35
CA ALA F 89 23.33 -38.95 -3.37
C ALA F 89 23.06 -37.80 -2.41
N VAL F 90 24.10 -37.22 -1.84
CA VAL F 90 23.92 -36.15 -0.86
C VAL F 90 24.16 -34.82 -1.56
N GLY F 91 23.23 -33.90 -1.35
CA GLY F 91 23.31 -32.56 -1.90
C GLY F 91 22.02 -32.08 -2.52
N VAL F 92 22.13 -31.20 -3.50
CA VAL F 92 21.01 -30.75 -4.31
C VAL F 92 20.90 -31.64 -5.54
N THR F 93 19.67 -31.90 -5.96
CA THR F 93 19.31 -32.48 -7.25
C THR F 93 17.89 -32.02 -7.55
N VAL F 94 17.26 -32.67 -8.51
CA VAL F 94 16.00 -32.21 -9.07
C VAL F 94 15.00 -33.36 -9.11
N VAL F 95 13.73 -33.01 -8.98
CA VAL F 95 12.62 -33.90 -9.23
C VAL F 95 11.71 -33.23 -10.25
N LEU F 96 11.09 -33.98 -11.12
CA LEU F 96 10.29 -33.41 -12.18
C LEU F 96 8.92 -34.05 -12.22
N ILE F 97 7.91 -33.25 -12.57
CA ILE F 97 6.54 -33.71 -12.68
C ILE F 97 6.09 -33.42 -14.11
N THR F 98 6.00 -34.45 -14.91
CA THR F 98 5.63 -34.24 -16.29
C THR F 98 4.17 -34.39 -16.48
N CYS F 99 3.75 -34.07 -17.67
CA CYS F 99 2.37 -34.34 -18.06
C CYS F 99 2.37 -34.48 -19.57
N THR F 100 1.74 -35.55 -20.05
CA THR F 100 1.75 -35.86 -21.46
C THR F 100 0.33 -35.88 -21.93
N TYR F 101 0.12 -35.49 -23.17
CA TYR F 101 -1.11 -35.77 -23.87
C TYR F 101 -0.76 -36.12 -25.31
N HIS F 102 -1.52 -37.06 -25.89
CA HIS F 102 -1.29 -37.50 -27.26
C HIS F 102 0.09 -38.10 -27.44
N GLY F 103 0.78 -38.29 -26.34
CA GLY F 103 2.16 -38.76 -26.43
C GLY F 103 3.10 -37.57 -26.41
N GLN F 104 2.66 -36.44 -26.91
CA GLN F 104 3.51 -35.24 -26.87
C GLN F 104 3.44 -34.67 -25.47
N GLU F 105 4.57 -34.60 -24.75
CA GLU F 105 4.60 -34.02 -23.38
C GLU F 105 4.38 -32.51 -23.50
N PHE F 106 3.48 -31.94 -22.69
CA PHE F 106 3.20 -30.48 -22.79
C PHE F 106 3.76 -29.69 -21.59
N ILE F 107 4.13 -30.35 -20.49
CA ILE F 107 4.62 -29.60 -19.35
C ILE F 107 5.60 -30.42 -18.55
N ARG F 108 6.59 -29.72 -18.00
CA ARG F 108 7.70 -30.30 -17.26
C ARG F 108 7.94 -29.41 -16.06
N VAL F 109 7.52 -29.84 -14.88
CA VAL F 109 7.61 -29.03 -13.68
C VAL F 109 8.83 -29.46 -12.89
N GLY F 110 9.70 -28.52 -12.58
CA GLY F 110 10.92 -28.84 -11.88
C GLY F 110 11.09 -28.15 -10.55
N TYR F 111 11.32 -28.94 -9.49
CA TYR F 111 11.69 -28.45 -8.17
C TYR F 111 13.08 -28.93 -7.81
N TYR F 112 13.74 -28.17 -6.97
CA TYR F 112 15.03 -28.57 -6.49
C TYR F 112 14.88 -29.38 -5.22
N VAL F 113 15.81 -30.30 -5.01
CA VAL F 113 15.77 -31.23 -3.89
C VAL F 113 17.12 -31.21 -3.21
N ASN F 114 17.12 -31.22 -1.89
CA ASN F 114 18.33 -31.24 -1.11
C ASN F 114 18.29 -32.42 -0.15
N ASN F 115 19.09 -33.43 -0.42
CA ASN F 115 19.23 -34.55 0.49
C ASN F 115 20.41 -34.23 1.41
N GLU F 116 20.13 -34.04 2.68
CA GLU F 116 21.10 -33.48 3.62
C GLU F 116 21.06 -34.26 4.92
N TYR F 117 22.16 -34.22 5.64
CA TYR F 117 22.19 -34.84 6.95
C TYR F 117 21.78 -33.84 8.01
N LEU F 118 20.73 -34.16 8.73
CA LEU F 118 20.38 -33.33 9.86
C LEU F 118 21.46 -33.34 10.93
N ASN F 119 22.22 -34.41 11.02
CA ASN F 119 23.20 -34.50 12.06
C ASN F 119 24.35 -33.58 11.71
N PRO F 120 24.72 -32.66 12.60
CA PRO F 120 26.00 -31.97 12.41
C PRO F 120 27.18 -32.92 12.41
N GLU F 121 27.13 -34.01 13.18
CA GLU F 121 28.23 -34.96 13.16
C GLU F 121 28.35 -35.65 11.82
N LEU F 122 27.21 -35.86 11.18
CA LEU F 122 27.22 -36.47 9.83
C LEU F 122 27.67 -35.38 8.87
N ARG F 123 26.97 -34.26 8.84
CA ARG F 123 27.39 -33.17 7.97
C ARG F 123 28.90 -32.94 8.07
N GLU F 124 29.45 -33.10 9.28
CA GLU F 124 30.89 -32.93 9.47
C GLU F 124 31.66 -34.05 8.79
N ASN F 125 31.44 -35.29 9.25
CA ASN F 125 32.10 -36.47 8.70
C ASN F 125 31.01 -37.35 8.13
N PRO F 126 30.60 -37.09 6.90
CA PRO F 126 29.65 -37.94 6.24
C PRO F 126 30.28 -39.29 5.96
N PRO F 127 29.49 -40.36 6.08
CA PRO F 127 30.01 -41.70 5.81
C PRO F 127 30.36 -41.89 4.34
N MET F 128 31.35 -42.76 4.09
CA MET F 128 31.79 -43.04 2.72
C MET F 128 30.68 -43.61 1.87
N LYS F 129 29.68 -44.21 2.48
CA LYS F 129 28.49 -44.68 1.81
C LYS F 129 27.27 -44.02 2.43
N PRO F 130 26.41 -43.42 1.61
CA PRO F 130 25.28 -42.66 2.14
C PRO F 130 24.41 -43.48 3.08
N ASP F 131 23.90 -42.81 4.12
CA ASP F 131 22.95 -43.37 5.07
C ASP F 131 21.57 -42.83 4.73
N PHE F 132 20.98 -43.40 3.71
CA PHE F 132 19.69 -42.93 3.28
C PHE F 132 18.63 -43.01 4.35
N SER F 133 18.94 -43.51 5.54
CA SER F 133 17.93 -43.48 6.58
C SER F 133 18.10 -42.31 7.52
N GLN F 134 19.18 -41.54 7.37
CA GLN F 134 19.38 -40.35 8.18
C GLN F 134 19.50 -39.10 7.33
N LEU F 135 19.00 -39.14 6.11
CA LEU F 135 18.97 -37.97 5.24
C LEU F 135 17.59 -37.32 5.31
N GLN F 136 17.57 -36.02 5.45
CA GLN F 136 16.33 -35.29 5.32
C GLN F 136 16.18 -34.80 3.90
N ARG F 137 15.02 -35.10 3.30
CA ARG F 137 14.70 -34.58 1.98
C ARG F 137 13.87 -33.31 2.12
N ASN F 138 14.29 -32.27 1.42
CA ASN F 138 13.62 -30.98 1.41
C ASN F 138 13.36 -30.56 -0.02
N ILE F 139 12.10 -30.65 -0.43
CA ILE F 139 11.65 -30.11 -1.72
C ILE F 139 11.48 -28.61 -1.56
N LEU F 140 12.43 -27.87 -2.11
CA LEU F 140 12.44 -26.42 -2.05
C LEU F 140 11.37 -25.88 -2.99
N ALA F 141 10.13 -25.85 -2.49
CA ALA F 141 8.94 -25.69 -3.30
C ALA F 141 8.58 -24.25 -3.63
N SER F 142 9.26 -23.27 -3.04
CA SER F 142 8.89 -21.89 -3.32
C SER F 142 9.27 -21.47 -4.71
N ASN F 143 10.22 -22.15 -5.34
CA ASN F 143 10.77 -21.76 -6.63
C ASN F 143 10.41 -22.88 -7.60
N PRO F 144 9.19 -22.91 -8.08
CA PRO F 144 8.82 -23.90 -9.09
C PRO F 144 9.15 -23.43 -10.50
N ARG F 145 9.89 -24.20 -11.28
CA ARG F 145 10.18 -23.80 -12.66
C ARG F 145 9.36 -24.61 -13.66
N VAL F 146 8.26 -23.99 -14.09
CA VAL F 146 7.34 -24.59 -15.05
C VAL F 146 7.89 -24.44 -16.47
N THR F 147 7.96 -25.55 -17.19
CA THR F 147 8.31 -25.53 -18.59
C THR F 147 7.09 -25.92 -19.39
N ARG F 148 6.63 -24.99 -20.23
CA ARG F 148 5.56 -25.26 -21.19
C ARG F 148 6.17 -25.60 -22.55
N PHE F 149 5.54 -26.54 -23.25
CA PHE F 149 5.98 -26.95 -24.58
C PHE F 149 4.78 -26.93 -25.53
N HIS F 150 5.06 -26.80 -26.81
CA HIS F 150 4.00 -26.87 -27.81
C HIS F 150 3.76 -28.32 -28.15
N ILE F 151 2.49 -28.69 -28.11
CA ILE F 151 1.96 -30.06 -28.33
C ILE F 151 0.83 -29.98 -29.33
N ASN F 152 0.72 -30.93 -30.24
CA ASN F 152 -0.41 -30.88 -31.17
C ASN F 152 -1.66 -31.40 -30.48
N TRP F 153 -2.51 -30.49 -30.06
CA TRP F 153 -3.78 -30.94 -29.51
C TRP F 153 -4.68 -31.41 -30.66
N ASP F 154 -5.84 -31.94 -30.29
CA ASP F 154 -6.83 -32.52 -31.21
C ASP F 154 -6.25 -33.62 -32.12
N ASP G 11 39.45 20.97 0.29
CA ASP G 11 38.86 19.85 1.07
C ASP G 11 37.60 20.35 1.78
N SER G 12 37.73 21.39 2.62
CA SER G 12 36.55 21.93 3.32
C SER G 12 35.60 22.51 2.28
N GLU G 13 36.10 23.39 1.43
CA GLU G 13 35.24 23.91 0.38
C GLU G 13 34.53 22.78 -0.36
N ALA G 14 35.25 21.68 -0.57
CA ALA G 14 34.65 20.53 -1.23
C ALA G 14 33.50 19.96 -0.41
N LYS G 15 33.72 19.77 0.89
CA LYS G 15 32.68 19.22 1.75
C LYS G 15 31.50 20.19 1.86
N LYS G 16 31.77 21.50 1.86
CA LYS G 16 30.68 22.46 1.92
C LYS G 16 29.94 22.54 0.58
N LEU G 17 30.68 22.50 -0.53
CA LEU G 17 30.03 22.51 -1.85
C LEU G 17 29.08 21.33 -2.01
N LEU G 18 29.48 20.17 -1.49
CA LEU G 18 28.60 19.01 -1.51
C LEU G 18 27.36 19.24 -0.67
N GLY G 19 27.54 19.46 0.65
CA GLY G 19 26.39 19.62 1.52
C GLY G 19 25.44 20.70 1.06
N LEU G 20 25.97 21.73 0.39
CA LEU G 20 25.10 22.76 -0.15
C LEU G 20 24.22 22.21 -1.26
N GLY G 21 24.78 21.38 -2.14
CA GLY G 21 23.97 20.80 -3.20
C GLY G 21 22.89 19.87 -2.67
N GLN G 22 23.24 19.04 -1.69
CA GLN G 22 22.22 18.23 -1.02
C GLN G 22 21.19 19.10 -0.35
N LYS G 23 21.64 20.19 0.27
CA LYS G 23 20.71 21.17 0.78
C LYS G 23 19.89 21.80 -0.33
N HIS G 24 20.47 21.89 -1.53
CA HIS G 24 19.73 22.50 -2.64
C HIS G 24 18.61 21.61 -3.11
N LEU G 25 18.85 20.31 -3.20
CA LEU G 25 17.76 19.46 -3.64
C LEU G 25 16.79 19.19 -2.49
N VAL G 26 17.29 19.20 -1.26
CA VAL G 26 16.37 19.07 -0.15
C VAL G 26 15.44 20.28 -0.07
N MET G 27 15.85 21.40 -0.67
CA MET G 27 14.95 22.52 -0.91
C MET G 27 14.25 22.40 -2.26
N GLY G 28 14.75 21.53 -3.15
CA GLY G 28 14.11 21.20 -4.41
C GLY G 28 14.78 21.77 -5.64
N ASP G 29 15.72 22.70 -5.46
CA ASP G 29 16.32 23.35 -6.62
C ASP G 29 17.23 22.31 -7.26
N ILE G 30 16.61 21.48 -8.09
CA ILE G 30 17.38 20.45 -8.79
C ILE G 30 18.52 21.06 -9.58
N PRO G 31 18.35 22.12 -10.36
CA PRO G 31 19.49 22.67 -11.12
C PRO G 31 20.56 23.25 -10.23
N ALA G 32 20.18 23.81 -9.08
CA ALA G 32 21.18 24.28 -8.14
C ALA G 32 22.00 23.12 -7.58
N ALA G 33 21.33 22.00 -7.29
CA ALA G 33 22.08 20.86 -6.79
C ALA G 33 23.03 20.31 -7.85
N VAL G 34 22.58 20.23 -9.11
CA VAL G 34 23.39 19.67 -10.19
C VAL G 34 24.67 20.47 -10.38
N ASN G 35 24.56 21.81 -10.33
CA ASN G 35 25.72 22.65 -10.56
C ASN G 35 26.63 22.69 -9.35
N ALA G 36 26.06 22.82 -8.15
CA ALA G 36 26.86 22.81 -6.92
C ALA G 36 27.63 21.52 -6.73
N PHE G 37 27.27 20.50 -7.48
CA PHE G 37 28.07 19.29 -7.59
C PHE G 37 28.83 19.21 -8.89
N GLN G 38 28.35 19.88 -9.94
CA GLN G 38 29.02 19.83 -11.23
C GLN G 38 30.46 20.27 -11.10
N GLU G 39 30.64 21.49 -10.61
CA GLU G 39 31.95 22.07 -10.47
C GLU G 39 32.58 21.76 -9.12
N ALA G 40 31.80 21.29 -8.14
CA ALA G 40 32.40 20.68 -6.97
C ALA G 40 33.30 19.54 -7.38
N ALA G 41 32.73 18.52 -8.02
CA ALA G 41 33.54 17.44 -8.58
C ALA G 41 34.62 17.95 -9.53
N SER G 42 34.36 19.04 -10.25
CA SER G 42 35.45 19.54 -11.14
C SER G 42 36.54 20.15 -10.27
N LEU G 43 36.22 20.50 -9.05
CA LEU G 43 37.27 20.94 -8.13
C LEU G 43 38.05 19.76 -7.57
N LEU G 44 37.35 18.79 -6.99
CA LEU G 44 38.04 17.65 -6.38
C LEU G 44 38.86 16.88 -7.40
N GLY G 45 38.40 16.85 -8.65
CA GLY G 45 38.91 16.00 -9.71
C GLY G 45 40.21 16.42 -10.34
N LYS G 46 40.84 17.48 -9.86
CA LYS G 46 42.19 17.82 -10.36
C LYS G 46 43.20 17.87 -9.23
N LYS G 47 42.80 18.36 -8.05
CA LYS G 47 43.68 18.30 -6.88
C LYS G 47 44.20 16.88 -6.67
N TYR G 48 43.28 15.93 -6.46
CA TYR G 48 43.68 14.53 -6.35
C TYR G 48 43.76 13.84 -7.70
N GLY G 49 42.98 14.31 -8.68
CA GLY G 49 42.93 13.68 -9.98
C GLY G 49 41.54 13.16 -10.27
N GLU G 50 41.14 13.15 -11.55
CA GLU G 50 39.80 12.71 -11.92
C GLU G 50 39.50 11.30 -11.42
N THR G 51 40.53 10.44 -11.34
CA THR G 51 40.37 9.05 -10.93
C THR G 51 40.66 8.82 -9.45
N ALA G 52 41.41 9.71 -8.80
CA ALA G 52 41.88 9.48 -7.45
C ALA G 52 40.73 9.16 -6.50
N ASN G 53 41.02 8.32 -5.52
CA ASN G 53 39.98 7.77 -4.65
C ASN G 53 39.13 8.87 -4.02
N GLU G 54 39.76 9.98 -3.66
CA GLU G 54 39.16 10.96 -2.75
C GLU G 54 38.04 11.77 -3.38
N CYS G 55 37.61 11.43 -4.60
CA CYS G 55 36.50 12.11 -5.27
C CYS G 55 35.24 11.27 -5.29
N GLY G 56 35.31 10.06 -4.75
CA GLY G 56 34.24 9.08 -4.86
C GLY G 56 32.87 9.64 -4.55
N GLU G 57 32.68 10.10 -3.31
CA GLU G 57 31.35 10.54 -2.90
C GLU G 57 30.83 11.62 -3.81
N ALA G 58 31.72 12.51 -4.26
CA ALA G 58 31.31 13.65 -5.08
C ALA G 58 30.73 13.18 -6.41
N PHE G 59 31.45 12.33 -7.12
CA PHE G 59 30.97 11.84 -8.42
C PHE G 59 29.58 11.24 -8.29
N PHE G 60 29.31 10.57 -7.17
CA PHE G 60 28.06 9.81 -7.01
C PHE G 60 26.86 10.72 -6.90
N PHE G 61 26.89 11.64 -5.94
CA PHE G 61 25.79 12.59 -5.83
C PHE G 61 25.63 13.38 -7.12
N TYR G 62 26.74 13.72 -7.78
CA TYR G 62 26.65 14.43 -9.06
C TYR G 62 26.03 13.55 -10.13
N GLY G 63 26.61 12.38 -10.37
CA GLY G 63 25.98 11.45 -11.27
C GLY G 63 24.51 11.28 -10.94
N LYS G 64 24.21 11.05 -9.65
CA LYS G 64 22.83 10.88 -9.24
C LYS G 64 21.99 12.07 -9.65
N SER G 65 22.39 13.28 -9.22
CA SER G 65 21.69 14.52 -9.55
C SER G 65 21.43 14.68 -11.04
N LEU G 66 22.33 14.19 -11.87
CA LEU G 66 22.12 14.26 -13.32
C LEU G 66 20.88 13.47 -13.72
N LEU G 67 20.69 12.30 -13.11
CA LEU G 67 19.56 11.45 -13.45
C LEU G 67 18.25 12.09 -13.07
N GLU G 68 18.19 12.65 -11.86
CA GLU G 68 16.99 13.34 -11.36
C GLU G 68 16.67 14.48 -12.32
N LEU G 69 17.69 15.27 -12.66
CA LEU G 69 17.60 16.47 -13.53
C LEU G 69 17.14 16.11 -14.93
N ALA G 70 17.45 14.92 -15.41
CA ALA G 70 17.06 14.48 -16.76
C ALA G 70 15.55 14.45 -16.92
N ARG G 71 14.83 14.09 -15.85
CA ARG G 71 13.34 14.05 -15.86
C ARG G 71 12.82 15.48 -15.74
N GLU G 84 16.96 17.76 -25.58
CA GLU G 84 17.99 16.80 -25.91
C GLU G 84 18.40 16.01 -24.66
N ILE G 85 18.25 14.69 -24.70
CA ILE G 85 18.54 13.86 -23.54
C ILE G 85 20.03 13.53 -23.49
N GLY G 86 20.82 14.41 -22.88
CA GLY G 86 22.27 14.21 -22.78
C GLY G 86 22.74 14.04 -21.36
N ASN G 87 21.82 14.09 -20.40
CA ASN G 87 22.15 13.91 -18.97
C ASN G 87 22.14 12.43 -18.63
N LEU G 88 21.44 11.62 -19.42
CA LEU G 88 21.33 10.17 -19.20
C LEU G 88 22.72 9.54 -19.23
N GLU G 89 23.41 9.61 -20.35
CA GLU G 89 24.70 8.96 -20.39
C GLU G 89 25.71 9.70 -19.54
N LEU G 90 25.60 11.02 -19.43
CA LEU G 90 26.59 11.74 -18.63
C LEU G 90 26.52 11.28 -17.18
N ALA G 91 25.31 11.03 -16.67
CA ALA G 91 25.18 10.39 -15.36
C ALA G 91 25.79 9.00 -15.37
N TRP G 92 25.56 8.24 -16.45
CA TRP G 92 26.20 6.94 -16.58
C TRP G 92 27.71 7.07 -16.41
N ASP G 93 28.30 8.08 -17.03
CA ASP G 93 29.74 8.29 -16.93
C ASP G 93 30.17 8.58 -15.50
N MET G 94 29.55 9.56 -14.89
CA MET G 94 29.91 9.94 -13.51
C MET G 94 29.84 8.74 -12.58
N LEU G 95 28.85 7.87 -12.78
CA LEU G 95 28.59 6.78 -11.87
C LEU G 95 29.50 5.59 -12.15
N ASP G 96 29.77 5.29 -13.42
CA ASP G 96 30.73 4.24 -13.72
C ASP G 96 32.08 4.55 -13.09
N LEU G 97 32.47 5.83 -13.08
CA LEU G 97 33.69 6.23 -12.38
C LEU G 97 33.58 6.01 -10.88
N ALA G 98 32.46 6.42 -10.29
CA ALA G 98 32.29 6.26 -8.86
C ALA G 98 32.37 4.80 -8.46
N LYS G 99 31.66 3.95 -9.22
CA LYS G 99 31.64 2.48 -8.96
C LYS G 99 33.07 1.94 -9.01
N ILE G 100 33.90 2.47 -9.91
CA ILE G 100 35.28 2.01 -10.03
C ILE G 100 36.09 2.47 -8.82
N ILE G 101 35.93 3.74 -8.42
CA ILE G 101 36.64 4.26 -7.26
C ILE G 101 36.30 3.47 -6.01
N PHE G 102 35.05 3.06 -5.88
CA PHE G 102 34.61 2.37 -4.69
C PHE G 102 35.09 0.93 -4.65
N LYS G 103 35.05 0.25 -5.80
CA LYS G 103 35.40 -1.16 -5.83
C LYS G 103 36.89 -1.36 -5.56
N ARG G 104 37.71 -0.37 -5.90
CA ARG G 104 39.14 -0.46 -5.65
C ARG G 104 39.43 -0.63 -4.16
N GLN G 105 38.63 0.00 -3.32
CA GLN G 105 38.88 0.03 -1.88
C GLN G 105 38.24 -1.18 -1.22
N GLU G 106 39.04 -1.92 -0.47
CA GLU G 106 38.57 -3.05 0.30
C GLU G 106 37.94 -2.60 1.61
N THR G 107 37.07 -1.58 1.53
CA THR G 107 36.28 -1.14 2.66
C THR G 107 34.86 -1.66 2.50
N LYS G 108 34.20 -1.90 3.64
CA LYS G 108 32.82 -2.37 3.57
C LYS G 108 31.92 -1.35 2.87
N GLU G 109 31.93 -0.13 3.40
CA GLU G 109 31.11 1.00 2.87
C GLU G 109 31.49 1.30 1.42
N ALA G 110 32.79 1.29 1.10
CA ALA G 110 33.22 1.60 -0.26
C ALA G 110 32.53 0.67 -1.25
N GLN G 111 32.62 -0.64 -1.02
CA GLN G 111 31.92 -1.60 -1.85
C GLN G 111 30.42 -1.40 -1.80
N LEU G 112 29.89 -1.07 -0.62
CA LEU G 112 28.47 -0.73 -0.54
C LEU G 112 28.18 0.50 -1.40
N TYR G 113 29.00 1.53 -1.29
CA TYR G 113 28.84 2.68 -2.17
C TYR G 113 28.99 2.28 -3.64
N ALA G 114 29.86 1.28 -3.93
CA ALA G 114 29.94 0.74 -5.28
C ALA G 114 28.63 0.09 -5.69
N ALA G 115 27.99 -0.64 -4.78
CA ALA G 115 26.66 -1.17 -5.04
C ALA G 115 25.65 -0.05 -5.22
N GLN G 116 25.76 1.03 -4.43
CA GLN G 116 24.90 2.18 -4.68
C GLN G 116 25.07 2.70 -6.10
N ALA G 117 26.29 2.73 -6.60
CA ALA G 117 26.52 3.23 -7.95
C ALA G 117 25.88 2.31 -8.99
N HIS G 118 26.00 1.00 -8.75
CA HIS G 118 25.38 -0.02 -9.64
C HIS G 118 23.88 0.28 -9.71
N LEU G 119 23.25 0.50 -8.55
CA LEU G 119 21.83 0.84 -8.50
C LEU G 119 21.54 2.01 -9.42
N LYS G 120 22.28 3.12 -9.23
CA LYS G 120 22.10 4.30 -10.06
C LYS G 120 22.37 3.99 -11.52
N LEU G 121 23.39 3.18 -11.78
CA LEU G 121 23.60 2.67 -13.13
C LEU G 121 22.39 1.89 -13.64
N GLY G 122 21.70 1.16 -12.75
CA GLY G 122 20.49 0.47 -13.19
C GLY G 122 19.38 1.45 -13.52
N GLU G 123 19.21 2.49 -12.73
CA GLU G 123 18.15 3.46 -12.99
C GLU G 123 18.41 4.26 -14.25
N VAL G 124 19.67 4.57 -14.52
CA VAL G 124 20.03 5.18 -15.79
C VAL G 124 19.64 4.28 -16.95
N SER G 125 19.97 2.98 -16.85
CA SER G 125 19.71 2.07 -17.97
C SER G 125 18.22 1.95 -18.25
N VAL G 126 17.41 1.77 -17.21
CA VAL G 126 15.98 1.75 -17.39
C VAL G 126 15.50 3.04 -18.03
N GLU G 127 16.04 4.18 -17.57
CA GLU G 127 15.65 5.47 -18.13
C GLU G 127 16.08 5.63 -19.58
N SER G 128 16.94 4.75 -20.07
CA SER G 128 17.32 4.77 -21.48
C SER G 128 16.68 3.64 -22.27
N GLU G 129 15.67 2.98 -21.71
CA GLU G 129 15.00 1.81 -22.28
C GLU G 129 15.93 0.60 -22.40
N ASN G 130 17.16 0.69 -21.89
CA ASN G 130 18.07 -0.46 -21.86
C ASN G 130 17.74 -1.29 -20.63
N TYR G 131 16.69 -2.09 -20.75
CA TYR G 131 16.09 -2.73 -19.59
C TYR G 131 16.90 -3.90 -19.08
N VAL G 132 17.85 -4.38 -19.87
CA VAL G 132 18.63 -5.54 -19.50
C VAL G 132 19.94 -5.12 -18.83
N GLN G 133 20.54 -4.04 -19.29
CA GLN G 133 21.72 -3.53 -18.60
C GLN G 133 21.39 -3.16 -17.16
N ALA G 134 20.22 -2.56 -16.95
CA ALA G 134 19.78 -2.29 -15.59
C ALA G 134 19.73 -3.57 -14.76
N VAL G 135 19.19 -4.66 -15.33
CA VAL G 135 19.13 -5.94 -14.64
C VAL G 135 20.51 -6.37 -14.16
N GLU G 136 21.49 -6.27 -15.05
CA GLU G 136 22.85 -6.64 -14.67
C GLU G 136 23.33 -5.80 -13.51
N GLU G 137 23.10 -4.48 -13.60
CA GLU G 137 23.55 -3.54 -12.59
C GLU G 137 22.84 -3.78 -11.26
N PHE G 138 21.54 -4.08 -11.32
CA PHE G 138 20.85 -4.47 -10.09
C PHE G 138 21.32 -5.83 -9.59
N GLN G 139 21.65 -6.74 -10.49
CA GLN G 139 22.21 -8.01 -10.05
C GLN G 139 23.55 -7.81 -9.37
N SER G 140 24.44 -7.03 -10.00
CA SER G 140 25.74 -6.72 -9.42
C SER G 140 25.59 -6.09 -8.05
N CYS G 141 24.65 -5.17 -7.94
CA CYS G 141 24.40 -4.52 -6.67
C CYS G 141 23.91 -5.52 -5.64
N LEU G 142 22.91 -6.33 -6.01
CA LEU G 142 22.35 -7.30 -5.08
C LEU G 142 23.45 -8.20 -4.50
N ASN G 143 24.19 -8.88 -5.36
CA ASN G 143 25.27 -9.72 -4.87
C ASN G 143 26.26 -8.90 -4.04
N LEU G 144 26.39 -7.59 -4.34
CA LEU G 144 27.30 -6.74 -3.57
C LEU G 144 26.81 -6.50 -2.16
N GLN G 145 25.54 -6.11 -2.01
CA GLN G 145 24.96 -6.01 -0.69
C GLN G 145 24.84 -7.35 -0.01
N GLU G 146 24.67 -8.42 -0.78
CA GLU G 146 24.30 -9.69 -0.17
C GLU G 146 25.37 -10.21 0.77
N GLN G 147 26.63 -9.91 0.49
CA GLN G 147 27.70 -10.37 1.35
C GLN G 147 28.18 -9.32 2.33
N TYR G 148 27.54 -8.16 2.37
CA TYR G 148 27.85 -7.14 3.36
C TYR G 148 26.68 -6.81 4.25
N LEU G 149 25.57 -7.54 4.15
CA LEU G 149 24.36 -7.26 4.91
C LEU G 149 23.81 -8.57 5.47
N GLU G 150 22.62 -8.47 6.06
CA GLU G 150 21.82 -9.58 6.58
C GLU G 150 20.43 -9.56 5.96
N ALA G 151 19.68 -10.65 6.17
CA ALA G 151 18.43 -10.90 5.46
C ALA G 151 17.26 -10.21 6.10
N HIS G 152 17.52 -9.12 6.78
CA HIS G 152 16.43 -8.36 7.34
C HIS G 152 16.32 -6.97 6.74
N ASP G 153 17.44 -6.32 6.39
CA ASP G 153 17.40 -4.90 6.07
C ASP G 153 16.53 -4.61 4.84
N ARG G 154 16.10 -3.35 4.74
CA ARG G 154 15.20 -2.88 3.69
C ARG G 154 15.90 -2.68 2.36
N LEU G 155 17.21 -2.46 2.39
CA LEU G 155 17.96 -2.28 1.15
C LEU G 155 17.80 -3.48 0.23
N LEU G 156 17.81 -4.68 0.79
CA LEU G 156 17.74 -5.89 -0.02
C LEU G 156 16.43 -5.96 -0.78
N ALA G 157 15.32 -5.83 -0.07
CA ALA G 157 14.05 -5.79 -0.77
C ALA G 157 14.08 -4.69 -1.82
N GLU G 158 14.68 -3.54 -1.50
CA GLU G 158 14.64 -2.42 -2.45
C GLU G 158 15.21 -2.83 -3.80
N THR G 159 16.42 -3.40 -3.80
CA THR G 159 16.98 -3.97 -5.01
C THR G 159 16.00 -4.93 -5.68
N HIS G 160 15.41 -5.84 -4.91
CA HIS G 160 14.51 -6.83 -5.51
C HIS G 160 13.39 -6.13 -6.26
N TYR G 161 12.66 -5.25 -5.57
CA TYR G 161 11.64 -4.46 -6.21
C TYR G 161 12.19 -3.76 -7.44
N GLN G 162 13.32 -3.08 -7.28
CA GLN G 162 13.94 -2.46 -8.42
C GLN G 162 14.15 -3.47 -9.54
N LEU G 163 14.64 -4.67 -9.22
CA LEU G 163 14.76 -5.71 -10.23
C LEU G 163 13.39 -6.04 -10.83
N GLY G 164 12.34 -6.00 -10.02
CA GLY G 164 11.00 -6.25 -10.53
C GLY G 164 10.56 -5.24 -11.57
N LEU G 165 10.94 -3.98 -11.40
CA LEU G 165 10.56 -2.98 -12.37
C LEU G 165 11.22 -3.21 -13.72
N ALA G 166 12.49 -3.66 -13.70
CA ALA G 166 13.20 -3.90 -14.96
C ALA G 166 12.67 -5.11 -15.69
N TYR G 167 12.51 -6.24 -14.99
CA TYR G 167 11.97 -7.44 -15.63
C TYR G 167 10.59 -7.16 -16.23
N GLY G 168 9.79 -6.33 -15.55
CA GLY G 168 8.49 -5.98 -16.09
C GLY G 168 8.57 -5.14 -17.35
N TYR G 169 9.60 -4.30 -17.46
CA TYR G 169 9.80 -3.49 -18.67
C TYR G 169 10.24 -4.35 -19.85
N ASN G 170 11.07 -5.36 -19.59
CA ASN G 170 11.55 -6.28 -20.60
C ASN G 170 10.54 -7.31 -20.96
N SER G 171 9.36 -7.19 -20.38
CA SER G 171 8.28 -8.16 -20.48
C SER G 171 8.63 -9.49 -19.81
N GLN G 172 9.57 -9.51 -18.88
CA GLN G 172 9.84 -10.74 -18.12
C GLN G 172 9.00 -10.69 -16.85
N TYR G 173 7.72 -11.00 -17.00
CA TYR G 173 6.86 -10.76 -15.85
C TYR G 173 6.98 -11.85 -14.81
N ASP G 174 7.26 -13.10 -15.22
CA ASP G 174 7.50 -14.16 -14.24
C ASP G 174 8.56 -13.72 -13.24
N GLU G 175 9.71 -13.29 -13.75
CA GLU G 175 10.76 -12.87 -12.86
C GLU G 175 10.39 -11.60 -12.13
N ALA G 176 9.53 -10.80 -12.74
CA ALA G 176 9.02 -9.61 -12.07
C ALA G 176 8.27 -10.00 -10.81
N VAL G 177 7.33 -10.93 -10.93
CA VAL G 177 6.60 -11.39 -9.76
C VAL G 177 7.55 -11.98 -8.75
N ALA G 178 8.61 -12.63 -9.23
CA ALA G 178 9.58 -13.21 -8.32
C ALA G 178 10.33 -12.13 -7.58
N GLN G 179 10.78 -11.09 -8.29
CA GLN G 179 11.54 -10.05 -7.64
C GLN G 179 10.69 -9.35 -6.58
N PHE G 180 9.41 -9.15 -6.86
CA PHE G 180 8.57 -8.44 -5.91
C PHE G 180 8.26 -9.29 -4.67
N SER G 181 7.82 -10.53 -4.89
CA SER G 181 7.56 -11.41 -3.75
C SER G 181 8.79 -11.52 -2.85
N LYS G 182 9.97 -11.73 -3.43
CA LYS G 182 11.19 -11.71 -2.62
C LYS G 182 11.26 -10.45 -1.80
N SER G 183 10.90 -9.34 -2.42
CA SER G 183 11.02 -8.05 -1.75
C SER G 183 10.18 -8.04 -0.48
N ILE G 184 9.00 -8.65 -0.50
CA ILE G 184 8.12 -8.56 0.65
C ILE G 184 8.58 -9.51 1.76
N GLU G 185 9.04 -10.69 1.41
CA GLU G 185 9.58 -11.55 2.44
C GLU G 185 10.77 -10.89 3.11
N VAL G 186 11.56 -10.13 2.34
CA VAL G 186 12.74 -9.49 2.92
C VAL G 186 12.34 -8.53 4.02
N ILE G 187 11.26 -7.76 3.82
CA ILE G 187 10.75 -6.84 4.85
C ILE G 187 9.86 -7.54 5.88
N GLU G 188 9.29 -8.70 5.54
CA GLU G 188 8.61 -9.51 6.54
C GLU G 188 9.60 -10.12 7.52
N ASN G 189 10.69 -10.70 7.01
CA ASN G 189 11.78 -11.14 7.89
C ASN G 189 12.29 -9.99 8.73
N ARG G 190 12.29 -8.77 8.18
CA ARG G 190 12.59 -7.60 8.99
C ARG G 190 11.58 -7.46 10.11
N MET G 191 10.32 -7.52 9.70
CA MET G 191 9.21 -7.33 10.66
C MET G 191 9.34 -8.30 11.82
N ALA G 192 9.53 -9.59 11.57
CA ALA G 192 9.54 -10.51 12.73
C ALA G 192 10.67 -10.19 13.69
N VAL G 193 11.88 -9.98 13.20
CA VAL G 193 13.00 -9.71 14.15
C VAL G 193 12.75 -8.39 14.88
N LEU G 194 12.31 -7.38 14.12
CA LEU G 194 12.01 -6.00 14.60
C LEU G 194 11.44 -5.21 13.42
N LYS G 210 8.36 2.61 13.72
CA LYS G 210 8.39 3.68 12.67
C LYS G 210 8.97 3.08 11.39
N GLU G 211 10.01 2.25 11.52
CA GLU G 211 10.56 1.58 10.31
C GLU G 211 9.46 0.65 9.82
N ILE G 212 8.82 -0.06 10.77
CA ILE G 212 7.64 -0.93 10.58
C ILE G 212 6.51 -0.04 10.04
N GLU G 213 6.37 1.21 10.50
CA GLU G 213 5.27 2.05 9.95
C GLU G 213 5.50 2.23 8.44
N GLU G 214 6.71 2.58 8.01
CA GLU G 214 6.85 2.72 6.54
C GLU G 214 6.90 1.35 5.86
N LEU G 215 7.29 0.30 6.57
CA LEU G 215 7.30 -1.07 6.03
C LEU G 215 5.85 -1.45 5.70
N LYS G 216 4.96 -1.11 6.62
CA LYS G 216 3.53 -1.36 6.44
C LYS G 216 3.09 -0.54 5.24
N GLU G 217 3.52 0.70 5.13
CA GLU G 217 3.07 1.50 3.97
C GLU G 217 3.58 0.88 2.67
N LEU G 218 4.81 0.38 2.69
CA LEU G 218 5.52 -0.22 1.52
C LEU G 218 4.74 -1.42 0.99
N LEU G 219 4.16 -2.22 1.87
CA LEU G 219 3.36 -3.39 1.41
C LEU G 219 2.36 -3.04 0.31
N PRO G 220 1.30 -2.30 0.62
CA PRO G 220 0.37 -1.97 -0.47
C PRO G 220 0.98 -1.70 -1.82
N GLU G 221 2.00 -0.83 -1.83
CA GLU G 221 2.65 -0.59 -3.11
C GLU G 221 3.21 -1.87 -3.70
N ILE G 222 3.86 -2.73 -2.90
CA ILE G 222 4.45 -3.94 -3.49
C ILE G 222 3.34 -4.85 -3.95
N ARG G 223 2.34 -5.07 -3.11
CA ARG G 223 1.29 -5.96 -3.56
C ARG G 223 0.56 -5.35 -4.74
N GLU G 224 0.57 -4.01 -4.85
CA GLU G 224 0.00 -3.31 -6.01
C GLU G 224 0.77 -3.61 -7.27
N LYS G 225 2.11 -3.55 -7.20
CA LYS G 225 2.98 -3.98 -8.29
C LYS G 225 2.86 -5.48 -8.58
N ILE G 226 2.54 -6.29 -7.56
CA ILE G 226 2.38 -7.74 -7.73
C ILE G 226 1.19 -8.05 -8.61
N GLU G 227 0.01 -7.60 -8.21
CA GLU G 227 -1.21 -7.91 -8.96
C GLU G 227 -1.28 -7.16 -10.28
N ASP G 228 -0.56 -6.05 -10.41
CA ASP G 228 -0.53 -5.34 -11.68
C ASP G 228 0.27 -6.09 -12.72
N ALA G 229 1.47 -6.53 -12.35
CA ALA G 229 2.21 -7.43 -13.24
C ALA G 229 1.42 -8.70 -13.48
N LYS G 230 0.68 -9.17 -12.47
CA LYS G 230 -0.11 -10.38 -12.64
C LYS G 230 -1.17 -10.22 -13.70
N GLU G 231 -1.39 -9.01 -14.19
CA GLU G 231 -2.38 -8.83 -15.23
C GLU G 231 -1.79 -9.08 -16.61
N SER G 232 -0.57 -8.64 -16.82
CA SER G 232 0.05 -8.75 -18.12
C SER G 232 0.11 -10.22 -18.52
N ASP H 9 0.79 14.59 -23.77
CA ASP H 9 2.18 14.91 -23.37
C ASP H 9 2.20 15.35 -21.91
N VAL H 10 1.43 16.37 -21.54
CA VAL H 10 1.39 16.81 -20.11
C VAL H 10 0.79 15.67 -19.30
N ASP H 11 -0.28 15.10 -19.82
CA ASP H 11 -0.93 13.98 -19.12
C ASP H 11 0.07 12.83 -19.04
N SER H 12 0.77 12.56 -20.13
CA SER H 12 1.78 11.48 -20.23
C SER H 12 2.94 11.70 -19.28
N GLU H 13 3.46 12.92 -19.18
CA GLU H 13 4.69 13.11 -18.40
C GLU H 13 4.32 13.09 -16.94
N ALA H 14 3.15 13.60 -16.66
CA ALA H 14 2.68 13.70 -15.28
C ALA H 14 2.47 12.31 -14.68
N LYS H 15 1.87 11.39 -15.44
CA LYS H 15 1.59 10.06 -14.91
C LYS H 15 2.88 9.32 -14.57
N LYS H 16 3.90 9.41 -15.42
CA LYS H 16 5.17 8.78 -15.06
C LYS H 16 5.87 9.52 -13.93
N LEU H 17 5.78 10.84 -13.91
CA LEU H 17 6.31 11.57 -12.76
C LEU H 17 5.67 11.08 -11.47
N LEU H 18 4.38 10.74 -11.52
CA LEU H 18 3.77 10.10 -10.36
C LEU H 18 4.34 8.71 -10.16
N GLY H 19 4.69 8.03 -11.24
CA GLY H 19 5.33 6.73 -11.11
C GLY H 19 6.70 6.85 -10.48
N LEU H 20 7.57 7.67 -11.08
CA LEU H 20 8.91 7.84 -10.55
C LEU H 20 8.87 8.39 -9.13
N GLY H 21 7.83 9.15 -8.80
CA GLY H 21 7.68 9.69 -7.45
C GLY H 21 7.43 8.62 -6.41
N GLN H 22 6.42 7.77 -6.63
CA GLN H 22 6.22 6.65 -5.72
C GLN H 22 7.39 5.68 -5.79
N LYS H 23 8.14 5.67 -6.91
CA LYS H 23 9.34 4.86 -6.97
C LYS H 23 10.51 5.48 -6.22
N HIS H 24 10.44 6.76 -5.89
CA HIS H 24 11.34 7.32 -4.89
C HIS H 24 10.79 7.12 -3.48
N LEU H 25 9.47 6.98 -3.35
CA LEU H 25 8.85 6.59 -2.10
C LEU H 25 9.18 5.14 -1.69
N VAL H 26 9.57 4.28 -2.63
CA VAL H 26 10.14 2.97 -2.26
C VAL H 26 11.66 3.13 -2.09
N MET H 27 12.26 4.02 -2.89
CA MET H 27 13.71 4.04 -2.92
C MET H 27 14.26 4.49 -1.57
N GLY H 28 13.45 5.24 -0.83
CA GLY H 28 13.86 5.88 0.38
C GLY H 28 14.19 7.34 0.22
N ASP H 29 14.20 7.83 -1.03
CA ASP H 29 14.54 9.25 -1.30
C ASP H 29 13.28 10.09 -1.06
N ILE H 30 13.23 10.86 0.03
CA ILE H 30 12.04 11.61 0.29
C ILE H 30 12.00 12.89 -0.55
N PRO H 31 13.02 13.76 -0.51
CA PRO H 31 12.89 15.03 -1.25
C PRO H 31 12.65 14.84 -2.73
N ALA H 32 13.31 13.83 -3.32
CA ALA H 32 13.15 13.54 -4.75
C ALA H 32 11.71 13.22 -5.07
N ALA H 33 11.12 12.33 -4.28
CA ALA H 33 9.68 12.11 -4.32
C ALA H 33 8.92 13.41 -4.19
N VAL H 34 9.31 14.26 -3.22
CA VAL H 34 8.55 15.48 -3.00
C VAL H 34 8.54 16.32 -4.25
N ASN H 35 9.68 16.42 -4.92
CA ASN H 35 9.80 17.27 -6.09
C ASN H 35 9.20 16.66 -7.33
N ALA H 36 9.24 15.33 -7.43
CA ALA H 36 8.51 14.64 -8.47
C ALA H 36 7.03 14.99 -8.40
N PHE H 37 6.49 15.10 -7.20
CA PHE H 37 5.08 15.48 -7.04
C PHE H 37 4.87 16.98 -7.24
N GLN H 38 5.82 17.82 -6.80
CA GLN H 38 5.64 19.26 -6.93
C GLN H 38 5.26 19.61 -8.36
N GLU H 39 6.19 19.35 -9.30
CA GLU H 39 6.01 19.67 -10.74
C GLU H 39 4.82 18.90 -11.31
N ALA H 40 4.69 17.60 -10.98
CA ALA H 40 3.53 16.84 -11.42
C ALA H 40 2.27 17.60 -11.07
N ALA H 41 2.12 17.96 -9.80
CA ALA H 41 0.96 18.73 -9.39
C ALA H 41 0.98 20.11 -10.02
N SER H 42 2.19 20.63 -10.25
CA SER H 42 2.37 21.94 -10.93
C SER H 42 1.84 21.87 -12.36
N LEU H 43 2.08 20.75 -13.06
CA LEU H 43 1.63 20.63 -14.45
C LEU H 43 0.13 20.50 -14.52
N LEU H 44 -0.48 19.87 -13.51
CA LEU H 44 -1.90 19.60 -13.58
C LEU H 44 -2.69 20.83 -13.22
N GLY H 45 -2.33 21.47 -12.11
CA GLY H 45 -3.00 22.68 -11.70
C GLY H 45 -2.85 23.79 -12.71
N LYS H 46 -1.71 23.77 -13.42
CA LYS H 46 -1.40 24.81 -14.44
C LYS H 46 -2.08 24.49 -15.78
N LYS H 47 -2.61 23.27 -15.94
CA LYS H 47 -3.27 22.88 -17.21
C LYS H 47 -4.80 22.81 -17.04
N TYR H 48 -5.26 22.05 -16.04
CA TYR H 48 -6.67 21.83 -15.79
C TYR H 48 -7.26 22.82 -14.79
N GLY H 49 -6.42 23.55 -14.07
CA GLY H 49 -6.93 24.41 -13.03
C GLY H 49 -6.91 23.73 -11.67
N GLU H 50 -6.65 24.54 -10.63
CA GLU H 50 -6.56 24.02 -9.26
C GLU H 50 -7.86 23.36 -8.78
N THR H 51 -8.98 23.60 -9.44
CA THR H 51 -10.25 22.98 -9.04
C THR H 51 -10.44 21.61 -9.66
N ALA H 52 -9.79 21.38 -10.80
CA ALA H 52 -10.05 20.18 -11.57
C ALA H 52 -9.66 18.92 -10.80
N ASN H 53 -10.47 17.88 -10.96
CA ASN H 53 -10.22 16.63 -10.27
C ASN H 53 -9.08 15.84 -10.89
N GLU H 54 -8.70 16.11 -12.12
CA GLU H 54 -7.53 15.42 -12.66
C GLU H 54 -6.26 15.76 -11.91
N CYS H 55 -6.32 16.74 -11.00
CA CYS H 55 -5.19 17.08 -10.13
C CYS H 55 -5.15 16.22 -8.88
N GLY H 56 -6.30 15.71 -8.45
CA GLY H 56 -6.43 14.96 -7.23
C GLY H 56 -5.36 13.94 -6.93
N GLU H 57 -5.12 12.97 -7.82
CA GLU H 57 -4.14 11.91 -7.53
C GLU H 57 -2.76 12.51 -7.28
N ALA H 58 -2.33 13.45 -8.12
CA ALA H 58 -1.05 14.11 -7.90
C ALA H 58 -1.09 14.96 -6.64
N PHE H 59 -2.24 15.60 -6.40
CA PHE H 59 -2.44 16.35 -5.18
C PHE H 59 -2.26 15.47 -3.94
N PHE H 60 -2.94 14.32 -3.93
CA PHE H 60 -2.77 13.38 -2.83
C PHE H 60 -1.30 13.03 -2.64
N PHE H 61 -0.67 12.50 -3.67
CA PHE H 61 0.72 12.07 -3.51
C PHE H 61 1.62 13.24 -3.17
N TYR H 62 1.33 14.43 -3.69
CA TYR H 62 2.08 15.61 -3.25
C TYR H 62 1.97 15.79 -1.76
N GLY H 63 0.75 15.90 -1.23
CA GLY H 63 0.56 16.05 0.20
C GLY H 63 1.08 14.88 1.00
N LYS H 64 1.35 13.75 0.33
CA LYS H 64 1.84 12.52 0.95
C LYS H 64 3.36 12.58 1.17
N SER H 65 4.09 13.05 0.16
CA SER H 65 5.53 13.13 0.28
C SER H 65 5.95 14.23 1.25
N LEU H 66 5.26 15.38 1.24
CA LEU H 66 5.58 16.45 2.18
C LEU H 66 5.44 16.00 3.62
N LEU H 67 4.46 15.12 3.89
CA LEU H 67 4.34 14.59 5.25
C LEU H 67 5.54 13.77 5.61
N GLU H 68 6.00 12.92 4.67
CA GLU H 68 7.20 12.13 4.90
C GLU H 68 8.43 13.03 5.06
N LEU H 69 8.50 14.11 4.29
CA LEU H 69 9.63 15.00 4.38
C LEU H 69 9.67 15.77 5.69
N ALA H 70 8.61 15.70 6.50
CA ALA H 70 8.51 16.54 7.70
C ALA H 70 9.33 15.98 8.86
N ARG H 71 10.26 15.07 8.56
CA ARG H 71 11.03 14.40 9.61
C ARG H 71 12.53 14.42 9.34
N GLU H 82 13.91 23.09 12.01
CA GLU H 82 12.60 23.10 12.65
C GLU H 82 11.51 23.70 11.76
N GLU H 83 11.66 23.52 10.44
CA GLU H 83 10.69 24.00 9.44
C GLU H 83 9.60 22.97 9.14
N GLU H 84 9.27 22.11 10.12
CA GLU H 84 8.30 21.03 9.89
C GLU H 84 6.89 21.57 9.66
N ILE H 85 6.49 22.59 10.41
CA ILE H 85 5.15 23.10 10.25
C ILE H 85 4.92 23.62 8.85
N GLY H 86 5.93 24.23 8.24
CA GLY H 86 5.79 24.69 6.87
C GLY H 86 5.41 23.56 5.92
N ASN H 87 6.08 22.40 6.05
CA ASN H 87 5.71 21.19 5.32
C ASN H 87 4.33 20.71 5.72
N LEU H 88 3.99 20.97 6.98
CA LEU H 88 2.66 20.61 7.50
C LEU H 88 1.65 21.50 6.78
N GLU H 89 1.91 22.78 6.67
CA GLU H 89 1.00 23.64 5.93
C GLU H 89 0.70 23.04 4.56
N LEU H 90 1.71 22.97 3.70
CA LEU H 90 1.43 22.62 2.31
C LEU H 90 0.87 21.21 2.18
N ALA H 91 1.37 20.27 2.99
CA ALA H 91 0.81 18.91 2.99
C ALA H 91 -0.67 18.92 3.38
N TRP H 92 -1.03 19.73 4.37
CA TRP H 92 -2.43 19.82 4.76
C TRP H 92 -3.28 20.36 3.61
N ASP H 93 -2.81 21.43 2.95
CA ASP H 93 -3.56 22.05 1.87
C ASP H 93 -3.80 21.07 0.71
N MET H 94 -2.74 20.41 0.24
CA MET H 94 -2.89 19.50 -0.89
C MET H 94 -3.83 18.34 -0.53
N LEU H 95 -3.71 17.82 0.68
CA LEU H 95 -4.59 16.76 1.14
C LEU H 95 -6.02 17.24 1.27
N ASP H 96 -6.18 18.55 1.51
CA ASP H 96 -7.53 19.15 1.64
C ASP H 96 -8.10 19.45 0.26
N LEU H 97 -7.25 19.83 -0.67
CA LEU H 97 -7.66 19.98 -2.06
C LEU H 97 -8.06 18.64 -2.66
N ALA H 98 -7.22 17.61 -2.45
CA ALA H 98 -7.54 16.29 -2.96
C ALA H 98 -8.80 15.75 -2.28
N LYS H 99 -8.96 16.02 -0.99
CA LYS H 99 -10.11 15.49 -0.25
C LYS H 99 -11.43 15.99 -0.84
N ILE H 100 -11.50 17.27 -1.23
CA ILE H 100 -12.74 17.81 -1.80
C ILE H 100 -12.88 17.47 -3.28
N ILE H 101 -11.76 17.30 -4.01
CA ILE H 101 -11.80 16.76 -5.36
C ILE H 101 -12.47 15.38 -5.36
N PHE H 102 -12.16 14.58 -4.35
CA PHE H 102 -12.77 13.27 -4.24
C PHE H 102 -14.17 13.34 -3.66
N LYS H 103 -14.36 14.15 -2.61
CA LYS H 103 -15.69 14.29 -2.03
C LYS H 103 -16.73 14.69 -3.08
N ARG H 104 -16.28 15.25 -4.21
CA ARG H 104 -17.21 15.60 -5.28
C ARG H 104 -17.61 14.36 -6.07
N GLN H 105 -16.63 13.55 -6.48
CA GLN H 105 -16.93 12.41 -7.34
C GLN H 105 -17.65 11.32 -6.56
N GLU H 106 -18.73 10.81 -7.15
CA GLU H 106 -19.52 9.77 -6.51
C GLU H 106 -19.24 8.49 -7.27
N THR H 107 -18.04 7.98 -7.03
CA THR H 107 -17.62 6.64 -7.41
C THR H 107 -17.14 5.96 -6.15
N LYS H 108 -16.91 4.66 -6.26
CA LYS H 108 -16.28 3.96 -5.16
C LYS H 108 -14.84 4.43 -5.00
N GLU H 109 -14.10 4.54 -6.10
CA GLU H 109 -12.67 4.77 -5.99
C GLU H 109 -12.39 6.12 -5.39
N ALA H 110 -13.07 7.15 -5.88
CA ALA H 110 -12.79 8.50 -5.44
C ALA H 110 -13.16 8.68 -3.97
N GLN H 111 -14.27 8.08 -3.54
CA GLN H 111 -14.66 8.19 -2.15
C GLN H 111 -13.61 7.55 -1.24
N LEU H 112 -13.22 6.31 -1.55
CA LEU H 112 -12.12 5.68 -0.81
C LEU H 112 -10.83 6.47 -0.96
N TYR H 113 -10.69 7.21 -2.06
CA TYR H 113 -9.54 8.09 -2.15
C TYR H 113 -9.69 9.26 -1.21
N ALA H 114 -10.91 9.77 -1.04
CA ALA H 114 -11.14 10.80 -0.02
C ALA H 114 -10.98 10.21 1.38
N ALA H 115 -11.31 8.93 1.55
CA ALA H 115 -11.01 8.27 2.81
C ALA H 115 -9.50 8.23 3.05
N GLN H 116 -8.73 7.79 2.05
CA GLN H 116 -7.27 7.83 2.19
C GLN H 116 -6.79 9.25 2.44
N ALA H 117 -7.41 10.22 1.76
CA ALA H 117 -7.07 11.62 1.98
C ALA H 117 -7.34 12.01 3.42
N HIS H 118 -8.45 11.53 3.99
CA HIS H 118 -8.74 11.79 5.39
C HIS H 118 -7.76 11.08 6.31
N LEU H 119 -7.32 9.90 5.92
CA LEU H 119 -6.33 9.21 6.72
C LEU H 119 -5.08 10.08 6.85
N LYS H 120 -4.52 10.46 5.72
CA LYS H 120 -3.32 11.27 5.76
C LYS H 120 -3.57 12.62 6.42
N LEU H 121 -4.75 13.22 6.19
CA LEU H 121 -5.05 14.44 6.91
C LEU H 121 -5.00 14.24 8.41
N GLY H 122 -5.52 13.11 8.89
CA GLY H 122 -5.49 12.87 10.31
C GLY H 122 -4.08 12.70 10.82
N GLU H 123 -3.25 11.96 10.08
CA GLU H 123 -1.84 11.80 10.45
C GLU H 123 -1.10 13.11 10.34
N VAL H 124 -1.50 13.97 9.40
CA VAL H 124 -0.95 15.32 9.37
C VAL H 124 -1.32 16.07 10.64
N SER H 125 -2.37 15.66 11.33
CA SER H 125 -2.74 16.40 12.55
C SER H 125 -2.01 15.85 13.76
N VAL H 126 -1.77 14.56 13.82
CA VAL H 126 -1.14 14.05 15.02
C VAL H 126 0.32 14.49 15.09
N GLU H 127 1.01 14.53 13.96
CA GLU H 127 2.34 15.11 13.99
C GLU H 127 2.25 16.59 14.26
N SER H 128 1.18 17.24 13.79
CA SER H 128 0.84 18.59 14.21
C SER H 128 0.39 18.65 15.65
N GLU H 129 0.24 17.51 16.31
CA GLU H 129 -0.27 17.49 17.67
C GLU H 129 -1.58 18.25 17.74
N ASN H 130 -2.34 18.17 16.66
CA ASN H 130 -3.70 18.68 16.62
C ASN H 130 -4.59 17.45 16.63
N TYR H 131 -4.68 16.83 17.82
CA TYR H 131 -5.40 15.55 18.02
C TYR H 131 -6.91 15.64 17.77
N VAL H 132 -7.55 16.71 18.23
CA VAL H 132 -8.99 16.80 18.08
C VAL H 132 -9.38 16.70 16.62
N GLN H 133 -8.62 17.34 15.76
CA GLN H 133 -8.93 17.20 14.35
C GLN H 133 -8.44 15.85 13.82
N ALA H 134 -7.37 15.34 14.40
CA ALA H 134 -6.82 14.06 13.93
C ALA H 134 -7.87 12.96 14.11
N VAL H 135 -8.34 12.75 15.30
CA VAL H 135 -9.36 11.71 15.52
C VAL H 135 -10.49 11.91 14.53
N GLU H 136 -10.86 13.16 14.29
CA GLU H 136 -11.92 13.45 13.35
C GLU H 136 -11.62 12.86 11.99
N GLU H 137 -10.47 13.21 11.41
CA GLU H 137 -10.18 12.72 10.06
C GLU H 137 -10.06 11.22 10.01
N PHE H 138 -9.63 10.61 11.11
CA PHE H 138 -9.64 9.17 11.15
C PHE H 138 -11.06 8.65 11.30
N GLN H 139 -11.86 9.34 12.12
CA GLN H 139 -13.28 9.00 12.15
C GLN H 139 -13.89 9.19 10.76
N SER H 140 -13.45 10.20 10.02
CA SER H 140 -14.01 10.41 8.69
C SER H 140 -13.55 9.32 7.72
N CYS H 141 -12.24 9.05 7.67
CA CYS H 141 -11.77 7.96 6.81
C CYS H 141 -12.51 6.67 7.11
N LEU H 142 -12.76 6.38 8.39
CA LEU H 142 -13.44 5.14 8.76
C LEU H 142 -14.88 5.10 8.23
N ASN H 143 -15.60 6.22 8.36
CA ASN H 143 -16.96 6.34 7.84
C ASN H 143 -17.01 5.97 6.36
N LEU H 144 -16.07 6.49 5.58
CA LEU H 144 -16.11 6.19 4.16
C LEU H 144 -15.62 4.80 3.87
N GLN H 145 -14.62 4.32 4.59
CA GLN H 145 -14.21 2.94 4.36
C GLN H 145 -15.33 1.99 4.70
N GLU H 146 -15.80 2.06 5.95
CA GLU H 146 -16.97 1.27 6.34
C GLU H 146 -18.08 1.39 5.30
N GLN H 147 -18.30 2.60 4.84
CA GLN H 147 -19.31 2.85 3.82
C GLN H 147 -19.15 1.86 2.69
N TYR H 148 -17.91 1.62 2.28
CA TYR H 148 -17.63 0.92 1.02
C TYR H 148 -17.00 -0.44 1.21
N LEU H 149 -15.99 -0.55 2.05
CA LEU H 149 -15.25 -1.80 2.09
C LEU H 149 -16.08 -2.89 2.74
N GLU H 150 -15.53 -4.10 2.73
CA GLU H 150 -16.18 -5.29 3.23
C GLU H 150 -15.77 -5.54 4.68
N ALA H 151 -16.50 -6.45 5.33
CA ALA H 151 -16.31 -6.67 6.77
C ALA H 151 -14.87 -7.08 7.12
N HIS H 152 -14.18 -7.79 6.23
CA HIS H 152 -12.88 -8.38 6.54
C HIS H 152 -11.73 -7.69 5.80
N ASP H 153 -11.79 -6.37 5.65
CA ASP H 153 -10.80 -5.63 4.88
C ASP H 153 -9.75 -5.00 5.78
N ARG H 154 -8.47 -5.13 5.36
CA ARG H 154 -7.34 -4.73 6.19
C ARG H 154 -7.23 -3.23 6.34
N LEU H 155 -7.96 -2.47 5.53
CA LEU H 155 -7.97 -1.04 5.68
C LEU H 155 -8.74 -0.59 6.91
N LEU H 156 -9.71 -1.37 7.32
CA LEU H 156 -10.42 -1.01 8.56
C LEU H 156 -9.42 -1.12 9.71
N ALA H 157 -8.60 -2.17 9.77
CA ALA H 157 -7.58 -2.22 10.81
C ALA H 157 -6.49 -1.18 10.58
N GLU H 158 -6.32 -0.74 9.33
CA GLU H 158 -5.40 0.36 9.06
C GLU H 158 -5.84 1.66 9.73
N THR H 159 -7.11 1.81 10.07
CA THR H 159 -7.60 3.07 10.61
C THR H 159 -8.03 2.98 12.06
N HIS H 160 -8.67 1.88 12.48
CA HIS H 160 -8.96 1.66 13.89
C HIS H 160 -7.70 1.80 14.74
N TYR H 161 -6.64 1.14 14.29
CA TYR H 161 -5.35 1.25 14.95
C TYR H 161 -4.93 2.70 15.05
N GLN H 162 -4.75 3.32 13.89
CA GLN H 162 -4.36 4.72 13.87
C GLN H 162 -5.20 5.53 14.83
N LEU H 163 -6.53 5.28 14.82
CA LEU H 163 -7.45 6.07 15.64
C LEU H 163 -7.20 5.83 17.12
N GLY H 164 -6.92 4.59 17.50
CA GLY H 164 -6.65 4.31 18.90
C GLY H 164 -5.46 5.09 19.42
N LEU H 165 -4.38 5.16 18.63
CA LEU H 165 -3.18 5.82 19.10
C LEU H 165 -3.41 7.30 19.28
N ALA H 166 -4.02 7.93 18.27
CA ALA H 166 -4.41 9.33 18.35
C ALA H 166 -5.18 9.62 19.63
N TYR H 167 -6.10 8.72 19.99
CA TYR H 167 -6.75 8.84 21.29
C TYR H 167 -5.72 8.77 22.40
N GLY H 168 -4.90 7.71 22.40
CA GLY H 168 -3.85 7.61 23.41
C GLY H 168 -3.03 8.89 23.49
N TYR H 169 -2.70 9.48 22.34
CA TYR H 169 -1.99 10.75 22.35
C TYR H 169 -2.83 11.85 22.98
N ASN H 170 -4.15 11.69 23.01
CA ASN H 170 -5.03 12.69 23.57
C ASN H 170 -5.46 12.33 24.98
N SER H 171 -4.82 11.33 25.57
CA SER H 171 -5.15 10.85 26.90
C SER H 171 -6.58 10.30 26.99
N GLN H 172 -7.16 9.89 25.86
CA GLN H 172 -8.43 9.18 25.90
C GLN H 172 -8.16 7.68 25.84
N TYR H 173 -7.57 7.18 26.93
CA TYR H 173 -6.94 5.87 26.87
C TYR H 173 -7.97 4.75 26.80
N ASP H 174 -9.12 4.93 27.42
CA ASP H 174 -10.14 3.89 27.35
C ASP H 174 -10.68 3.73 25.94
N GLU H 175 -10.97 4.88 25.30
CA GLU H 175 -11.46 4.89 23.90
C GLU H 175 -10.34 4.38 22.98
N ALA H 176 -9.07 4.63 23.36
CA ALA H 176 -7.93 4.17 22.56
C ALA H 176 -7.89 2.65 22.48
N VAL H 177 -8.04 1.98 23.62
CA VAL H 177 -8.02 0.52 23.69
C VAL H 177 -9.11 -0.07 22.81
N ALA H 178 -10.31 0.52 22.87
CA ALA H 178 -11.44 0.00 22.11
C ALA H 178 -11.15 0.05 20.62
N GLN H 179 -10.59 1.15 20.14
CA GLN H 179 -10.20 1.22 18.73
C GLN H 179 -9.19 0.13 18.40
N PHE H 180 -8.22 -0.08 19.29
CA PHE H 180 -7.25 -1.15 19.10
C PHE H 180 -7.94 -2.50 18.96
N SER H 181 -8.87 -2.78 19.87
CA SER H 181 -9.60 -4.04 19.82
C SER H 181 -10.35 -4.21 18.52
N LYS H 182 -10.99 -3.15 18.02
CA LYS H 182 -11.66 -3.25 16.75
C LYS H 182 -10.68 -3.53 15.63
N SER H 183 -9.49 -2.95 15.74
CA SER H 183 -8.46 -3.18 14.75
C SER H 183 -8.00 -4.63 14.75
N ILE H 184 -7.61 -5.14 15.92
CA ILE H 184 -7.14 -6.52 16.01
C ILE H 184 -8.23 -7.47 15.57
N GLU H 185 -9.46 -7.22 16.00
CA GLU H 185 -10.57 -8.09 15.59
C GLU H 185 -10.72 -8.08 14.08
N VAL H 186 -10.52 -6.92 13.44
CA VAL H 186 -10.54 -6.86 11.98
C VAL H 186 -9.51 -7.84 11.42
N ILE H 187 -8.35 -7.94 12.07
CA ILE H 187 -7.34 -8.90 11.64
C ILE H 187 -7.83 -10.33 11.87
N GLU H 188 -8.36 -10.61 13.06
CA GLU H 188 -8.72 -11.98 13.41
C GLU H 188 -9.84 -12.50 12.51
N ASN H 189 -10.83 -11.66 12.22
CA ASN H 189 -11.97 -12.09 11.41
C ASN H 189 -11.58 -12.34 9.95
N ARG H 190 -10.70 -11.51 9.38
CA ARG H 190 -10.22 -11.83 8.05
C ARG H 190 -9.34 -13.07 8.07
N MET H 191 -9.05 -13.51 9.29
CA MET H 191 -8.21 -14.68 9.56
C MET H 191 -9.14 -15.88 9.54
N ALA H 192 -10.35 -15.64 9.07
CA ALA H 192 -11.32 -16.72 8.94
C ALA H 192 -11.58 -17.05 7.48
N VAL H 193 -11.81 -16.05 6.64
CA VAL H 193 -11.95 -16.33 5.21
C VAL H 193 -10.59 -16.67 4.60
N LEU H 194 -9.50 -16.17 5.18
CA LEU H 194 -8.18 -16.62 4.79
C LEU H 194 -7.98 -18.11 5.03
N ASN H 195 -8.89 -18.76 5.76
CA ASN H 195 -8.87 -20.19 6.00
C ASN H 195 -9.57 -20.96 4.89
N GLU H 196 -10.81 -20.58 4.57
CA GLU H 196 -11.56 -21.25 3.52
C GLU H 196 -12.32 -20.22 2.68
N GLU H 211 -1.57 -14.32 3.58
CA GLU H 211 -1.14 -13.18 4.44
C GLU H 211 -1.18 -13.59 5.91
N ILE H 212 -1.48 -14.86 6.21
CA ILE H 212 -1.63 -15.30 7.63
C ILE H 212 -0.34 -15.01 8.40
N GLU H 213 0.81 -15.28 7.80
CA GLU H 213 2.08 -14.92 8.49
C GLU H 213 2.10 -13.40 8.70
N GLU H 214 1.70 -12.62 7.69
CA GLU H 214 1.76 -11.14 7.80
C GLU H 214 0.88 -10.63 8.95
N LEU H 215 -0.27 -11.24 9.17
CA LEU H 215 -1.08 -10.78 10.30
C LEU H 215 -0.40 -11.14 11.62
N LYS H 216 0.23 -12.30 11.68
CA LYS H 216 0.73 -12.83 12.95
C LYS H 216 1.72 -11.87 13.60
N GLU H 217 2.55 -11.20 12.80
CA GLU H 217 3.67 -10.44 13.36
C GLU H 217 3.37 -8.96 13.54
N LEU H 218 2.25 -8.47 13.02
CA LEU H 218 1.81 -7.13 13.34
C LEU H 218 0.73 -7.13 14.41
N LEU H 219 0.35 -8.29 14.91
CA LEU H 219 -0.45 -8.39 16.12
C LEU H 219 0.35 -8.03 17.36
N PRO H 220 1.64 -8.37 17.47
CA PRO H 220 2.42 -7.88 18.62
C PRO H 220 2.50 -6.37 18.72
N GLU H 221 2.52 -5.66 17.59
CA GLU H 221 2.55 -4.21 17.64
C GLU H 221 1.33 -3.67 18.39
N ILE H 222 0.16 -4.22 18.10
CA ILE H 222 -1.09 -3.68 18.66
C ILE H 222 -1.26 -4.10 20.12
N ARG H 223 -0.92 -5.35 20.45
CA ARG H 223 -1.05 -5.78 21.84
C ARG H 223 -0.13 -4.98 22.74
N GLU H 224 1.06 -4.65 22.26
CA GLU H 224 1.95 -3.77 23.02
C GLU H 224 1.32 -2.39 23.20
N LYS H 225 0.64 -1.89 22.17
CA LYS H 225 -0.06 -0.62 22.29
C LYS H 225 -1.22 -0.73 23.26
N ILE H 226 -1.88 -1.88 23.25
CA ILE H 226 -3.01 -2.08 24.16
C ILE H 226 -2.52 -2.10 25.61
N GLU H 227 -1.49 -2.89 25.89
CA GLU H 227 -1.03 -3.00 27.27
C GLU H 227 -0.53 -1.67 27.81
N ASP H 228 -0.04 -0.79 26.93
CA ASP H 228 0.51 0.49 27.37
C ASP H 228 -0.54 1.59 27.46
N ALA H 229 -1.65 1.47 26.74
CA ALA H 229 -2.59 2.59 26.60
C ALA H 229 -3.19 3.01 27.93
N LYS H 230 -4.01 2.13 28.54
CA LYS H 230 -4.62 2.47 29.83
C LYS H 230 -3.65 2.27 30.99
N GLU H 231 -2.48 1.69 30.73
CA GLU H 231 -1.40 1.70 31.71
C GLU H 231 -1.06 3.13 32.12
N SER H 232 -1.40 4.09 31.27
CA SER H 232 -1.33 5.50 31.59
C SER H 232 -2.73 6.06 31.83
#